data_3ZNG
#
_entry.id   3ZNG
#
_cell.length_a   114.110
_cell.length_b   103.130
_cell.length_c   109.900
_cell.angle_alpha   90.00
_cell.angle_beta   90.00
_cell.angle_gamma   90.00
#
_symmetry.space_group_name_H-M   'P 21 21 2'
#
loop_
_entity.id
_entity.type
_entity.pdbx_description
1 polymer 'ANKYRIN REPEAT AND SOCS BOX PROTEIN 9'
2 polymer 'TRANSCRIPTION ELONGATION FACTOR B POLYPEPTIDE 1'
3 polymer 'TRANSCRIPTION ELONGATION FACTOR B POLYPEPTIDE 2'
4 non-polymer 1,2-ETHANEDIOL
5 water water
#
loop_
_entity_poly.entity_id
_entity_poly.type
_entity_poly.pdbx_seq_one_letter_code
_entity_poly.pdbx_strand_id
1 'polypeptide(L)'
;MSDWSPMHEAAIHGHQLSLRNLISQGWAVNIITADHVSPLHEACLGGHLSCVKILLKHGAQVNGVTADWHTPLFNACVSG
SWDCVNLLLQHGASVQPESDLASPIHEAARRGHVECVNSLIAYGGNIDHKISHLGTPLYLACENQQRACVKKLLESGADV
NQGKGQDSPLHAVARTASEELACLLMDFGADTQAKNAEGKRPVELVPPESPLAQLFLEREGPPSLMQLCRLRIRKCFGIQ
QHHKITKLVLPEDLKQFLLHLAENLYFQ
;
A,D
2 'polypeptide(L)'
;MMYVKLISSDGHEFIVKREHALTSGTIKAMLSGPGQFAENETNEVNFREIPSHVLSKVCMYFTYKVRYTNSSTEIPEFPI
APEIALELLMAANFLDC
;
B,E
3 'polypeptide(L)'
;MDVFLMIRRHKTTIFTDAKESSTVFELKRIVEGILKRPPDEQRLYKDDQLLDDGKTLGECGFTSQTARPQAPATVGLAFR
ADDTFEALCIEPFSSPPELPDVMKPQDSGSSANEQAVQ
;
C,F
#
loop_
_chem_comp.id
_chem_comp.type
_chem_comp.name
_chem_comp.formula
EDO non-polymer 1,2-ETHANEDIOL 'C2 H6 O2'
#
# COMPACT_ATOMS: atom_id res chain seq x y z
N TRP A 4 13.54 16.22 33.75
CA TRP A 4 13.75 15.66 32.42
C TRP A 4 13.51 14.14 32.42
N SER A 5 13.34 13.54 31.25
CA SER A 5 12.98 12.13 31.16
C SER A 5 13.44 11.45 29.88
N PRO A 6 14.40 10.53 30.04
CA PRO A 6 14.98 9.76 28.94
C PRO A 6 13.95 8.93 28.24
N MET A 7 12.97 8.42 28.98
CA MET A 7 11.94 7.57 28.41
C MET A 7 11.04 8.37 27.50
N HIS A 8 10.62 9.55 27.94
CA HIS A 8 9.81 10.41 27.11
C HIS A 8 10.60 10.84 25.89
N GLU A 9 11.85 11.17 26.14
CA GLU A 9 12.71 11.71 25.11
C GLU A 9 12.94 10.68 24.00
N ALA A 10 13.09 9.41 24.37
CA ALA A 10 13.35 8.38 23.40
C ALA A 10 12.11 8.12 22.58
N ALA A 11 10.98 8.17 23.27
CA ALA A 11 9.69 7.89 22.64
C ALA A 11 9.29 8.99 21.64
N ILE A 12 9.70 10.24 21.90
CA ILE A 12 9.38 11.32 20.98
C ILE A 12 9.99 11.11 19.61
N HIS A 13 11.23 10.63 19.61
CA HIS A 13 12.01 10.51 18.38
C HIS A 13 11.96 9.11 17.75
N GLY A 14 11.25 8.19 18.37
CA GLY A 14 11.18 6.86 17.83
C GLY A 14 12.47 6.08 18.02
N HIS A 15 13.18 6.31 19.11
CA HIS A 15 14.42 5.58 19.35
C HIS A 15 14.13 4.28 20.05
N GLN A 16 13.87 3.23 19.28
CA GLN A 16 13.49 1.94 19.84
C GLN A 16 14.66 1.23 20.53
N LEU A 17 15.91 1.52 20.12
CA LEU A 17 17.05 0.94 20.82
C LEU A 17 17.25 1.61 22.15
N SER A 18 17.18 2.94 22.18
CA SER A 18 17.34 3.66 23.43
C SER A 18 16.27 3.25 24.44
N LEU A 19 15.05 3.06 23.92
CA LEU A 19 13.94 2.64 24.76
C LEU A 19 14.18 1.27 25.38
N ARG A 20 14.62 0.31 24.57
CA ARG A 20 14.86 -1.01 25.09
C ARG A 20 16.04 -0.96 26.09
N ASN A 21 17.01 -0.09 25.82
CA ASN A 21 18.10 0.14 26.76
C ASN A 21 17.62 0.71 28.10
N LEU A 22 16.78 1.75 28.04
CA LEU A 22 16.26 2.39 29.25
C LEU A 22 15.46 1.42 30.06
N ILE A 23 14.60 0.65 29.39
CA ILE A 23 13.77 -0.32 30.08
C ILE A 23 14.62 -1.36 30.83
N SER A 24 15.70 -1.84 30.21
CA SER A 24 16.50 -2.89 30.82
C SER A 24 17.39 -2.36 31.94
N GLN A 25 17.62 -1.05 31.98
CA GLN A 25 18.41 -0.44 33.06
C GLN A 25 17.53 -0.18 34.28
N GLY A 26 16.21 -0.21 34.05
CA GLY A 26 15.23 -0.14 35.13
C GLY A 26 14.23 1.02 35.10
N TRP A 27 14.29 1.84 34.06
CA TRP A 27 13.38 2.97 33.91
C TRP A 27 11.95 2.49 33.76
N ALA A 28 11.03 3.21 34.40
CA ALA A 28 9.62 2.86 34.33
C ALA A 28 9.01 3.28 33.01
N VAL A 29 8.01 2.54 32.58
CA VAL A 29 7.34 2.84 31.34
C VAL A 29 6.12 3.72 31.61
N ASN A 30 5.46 3.50 32.74
CA ASN A 30 4.31 4.34 33.12
C ASN A 30 4.73 5.52 33.95
N ILE A 31 5.60 6.32 33.38
CA ILE A 31 6.04 7.53 34.02
C ILE A 31 5.23 8.60 33.30
N ILE A 32 4.80 9.65 34.00
CA ILE A 32 4.03 10.70 33.37
C ILE A 32 4.59 12.04 33.80
N THR A 33 4.36 13.06 32.97
CA THR A 33 4.82 14.41 33.29
C THR A 33 3.78 15.08 34.15
N ALA A 34 3.96 16.36 34.46
CA ALA A 34 2.97 17.10 35.25
C ALA A 34 1.67 17.23 34.44
N ASP A 35 1.80 17.23 33.11
CA ASP A 35 0.66 17.28 32.19
C ASP A 35 0.02 15.91 31.96
N HIS A 36 0.55 14.89 32.64
CA HIS A 36 0.05 13.52 32.59
C HIS A 36 0.29 12.83 31.25
N VAL A 37 1.36 13.26 30.58
CA VAL A 37 1.77 12.68 29.32
C VAL A 37 2.74 11.54 29.60
N SER A 38 2.44 10.35 29.09
CA SER A 38 3.33 9.21 29.24
C SER A 38 4.20 9.06 28.00
N PRO A 39 5.27 8.27 28.09
CA PRO A 39 6.04 7.99 26.87
C PRO A 39 5.20 7.32 25.78
N LEU A 40 4.19 6.54 26.16
CA LEU A 40 3.31 5.96 25.14
C LEU A 40 2.59 7.05 24.34
N HIS A 41 2.21 8.16 24.98
CA HIS A 41 1.49 9.22 24.27
C HIS A 41 2.36 9.78 23.19
N GLU A 42 3.62 10.01 23.54
CA GLU A 42 4.56 10.66 22.63
C GLU A 42 4.95 9.75 21.48
N ALA A 43 5.04 8.46 21.76
CA ALA A 43 5.37 7.48 20.73
C ALA A 43 4.27 7.46 19.69
N CYS A 44 3.02 7.52 20.16
CA CYS A 44 1.86 7.44 19.28
C CYS A 44 1.76 8.68 18.44
N LEU A 45 2.08 9.81 19.06
CA LEU A 45 2.03 11.09 18.38
C LEU A 45 2.94 11.09 17.18
N GLY A 46 4.09 10.44 17.30
CA GLY A 46 5.07 10.38 16.24
C GLY A 46 4.82 9.25 15.26
N GLY A 47 3.88 8.36 15.61
CA GLY A 47 3.54 7.22 14.77
C GLY A 47 4.64 6.20 14.80
N HIS A 48 5.34 6.13 15.93
CA HIS A 48 6.49 5.25 16.04
C HIS A 48 6.10 3.86 16.51
N LEU A 49 5.70 3.03 15.55
CA LEU A 49 5.15 1.71 15.80
C LEU A 49 6.06 0.80 16.63
N SER A 50 7.36 0.76 16.33
CA SER A 50 8.28 -0.09 17.12
C SER A 50 8.26 0.32 18.59
N CYS A 51 8.24 1.61 18.86
CA CYS A 51 8.27 2.10 20.22
C CYS A 51 6.96 1.83 20.95
N VAL A 52 5.85 1.89 20.21
CA VAL A 52 4.56 1.56 20.80
C VAL A 52 4.54 0.09 21.22
N LYS A 53 5.02 -0.79 20.36
CA LYS A 53 5.11 -2.20 20.66
C LYS A 53 5.91 -2.44 21.93
N ILE A 54 7.09 -1.83 22.00
CA ILE A 54 7.97 -2.05 23.14
C ILE A 54 7.32 -1.59 24.44
N LEU A 55 6.71 -0.41 24.42
CA LEU A 55 6.04 0.12 25.62
C LEU A 55 4.83 -0.73 26.06
N LEU A 56 4.06 -1.23 25.10
CA LEU A 56 2.90 -2.03 25.45
C LEU A 56 3.33 -3.35 26.08
N LYS A 57 4.39 -3.95 25.54
CA LYS A 57 4.95 -5.22 26.03
C LYS A 57 5.38 -5.09 27.47
N HIS A 58 5.76 -3.88 27.86
CA HIS A 58 6.24 -3.66 29.22
C HIS A 58 5.20 -2.96 30.06
N GLY A 59 3.96 -2.99 29.58
CA GLY A 59 2.84 -2.62 30.41
C GLY A 59 2.44 -1.17 30.47
N ALA A 60 2.66 -0.43 29.38
CA ALA A 60 2.20 0.94 29.30
C ALA A 60 0.68 0.95 29.33
N GLN A 61 0.10 2.02 29.86
CA GLN A 61 -1.35 2.15 29.90
C GLN A 61 -1.89 2.85 28.67
N VAL A 62 -2.84 2.21 28.01
CA VAL A 62 -3.30 2.65 26.71
C VAL A 62 -4.45 3.66 26.80
N ASN A 63 -4.99 3.83 28.00
CA ASN A 63 -6.12 4.77 28.18
C ASN A 63 -5.85 5.96 29.11
N GLY A 64 -4.59 6.28 29.32
CA GLY A 64 -4.23 7.43 30.13
C GLY A 64 -4.69 8.69 29.44
N VAL A 65 -5.11 9.69 30.21
CA VAL A 65 -5.64 10.92 29.66
C VAL A 65 -4.78 12.10 30.09
N THR A 66 -4.27 12.87 29.13
CA THR A 66 -3.43 14.01 29.45
C THR A 66 -4.28 15.18 29.90
N ALA A 67 -3.62 16.26 30.33
CA ALA A 67 -4.32 17.42 30.84
C ALA A 67 -5.05 18.18 29.73
N ASP A 68 -4.65 17.93 28.49
CA ASP A 68 -5.33 18.50 27.34
C ASP A 68 -6.34 17.52 26.74
N TRP A 69 -6.68 16.48 27.51
CA TRP A 69 -7.69 15.46 27.17
C TRP A 69 -7.28 14.50 26.04
N HIS A 70 -5.98 14.29 25.84
CA HIS A 70 -5.51 13.41 24.79
C HIS A 70 -5.24 12.03 25.32
N THR A 71 -5.67 11.03 24.57
CA THR A 71 -5.36 9.66 24.90
C THR A 71 -4.36 9.15 23.88
N PRO A 72 -3.65 8.07 24.20
CA PRO A 72 -2.74 7.51 23.20
C PRO A 72 -3.43 7.26 21.85
N LEU A 73 -4.70 6.85 21.87
CA LEU A 73 -5.44 6.59 20.65
C LEU A 73 -5.68 7.88 19.88
N PHE A 74 -5.94 8.96 20.61
CA PHE A 74 -6.17 10.23 19.94
C PHE A 74 -4.92 10.65 19.18
N ASN A 75 -3.77 10.67 19.87
CA ASN A 75 -2.49 11.00 19.25
C ASN A 75 -2.15 10.14 18.02
N ALA A 76 -2.42 8.84 18.10
CA ALA A 76 -2.15 7.98 16.96
C ALA A 76 -3.00 8.41 15.77
N CYS A 77 -4.18 8.97 16.04
CA CYS A 77 -5.05 9.45 14.98
C CYS A 77 -4.56 10.77 14.41
N VAL A 78 -3.79 11.52 15.20
CA VAL A 78 -3.17 12.75 14.70
C VAL A 78 -1.99 12.40 13.80
N SER A 79 -1.22 11.40 14.21
CA SER A 79 -0.02 10.95 13.49
C SER A 79 -0.36 10.33 12.14
N GLY A 80 -1.50 9.65 12.09
CA GLY A 80 -1.93 8.94 10.90
C GLY A 80 -1.46 7.50 10.84
N SER A 81 -0.70 7.07 11.84
CA SER A 81 -0.23 5.68 11.82
C SER A 81 -1.36 4.71 12.11
N TRP A 82 -1.88 4.13 11.04
CA TRP A 82 -2.91 3.14 11.13
C TRP A 82 -2.43 1.95 11.95
N ASP A 83 -1.14 1.63 11.85
CA ASP A 83 -0.63 0.49 12.60
C ASP A 83 -0.72 0.76 14.10
N CYS A 84 -0.42 2.00 14.52
CA CYS A 84 -0.53 2.35 15.92
C CYS A 84 -1.96 2.33 16.39
N VAL A 85 -2.83 2.95 15.60
CA VAL A 85 -4.25 2.97 15.92
C VAL A 85 -4.76 1.54 16.13
N ASN A 86 -4.51 0.69 15.14
CA ASN A 86 -4.89 -0.71 15.26
C ASN A 86 -4.33 -1.40 16.48
N LEU A 87 -3.06 -1.16 16.77
CA LEU A 87 -2.41 -1.83 17.89
C LEU A 87 -3.04 -1.39 19.19
N LEU A 88 -3.32 -0.09 19.32
CA LEU A 88 -4.01 0.40 20.50
C LEU A 88 -5.44 -0.17 20.58
N LEU A 89 -6.14 -0.29 19.47
CA LEU A 89 -7.49 -0.80 19.55
C LEU A 89 -7.49 -2.24 20.05
N GLN A 90 -6.48 -3.02 19.63
CA GLN A 90 -6.35 -4.40 20.06
C GLN A 90 -6.15 -4.50 21.57
N HIS A 91 -5.42 -3.56 22.14
CA HIS A 91 -5.13 -3.60 23.57
C HIS A 91 -6.19 -2.92 24.42
N GLY A 92 -7.34 -2.64 23.78
CA GLY A 92 -8.48 -2.15 24.52
C GLY A 92 -8.48 -0.66 24.73
N ALA A 93 -7.82 0.10 23.86
CA ALA A 93 -7.90 1.55 23.90
C ALA A 93 -9.36 1.91 23.75
N SER A 94 -9.84 2.78 24.61
CA SER A 94 -11.26 3.14 24.55
C SER A 94 -11.55 3.89 23.27
N VAL A 95 -12.56 3.41 22.57
CA VAL A 95 -12.96 4.02 21.32
C VAL A 95 -13.68 5.35 21.56
N GLN A 96 -14.48 5.40 22.61
CA GLN A 96 -15.32 6.56 22.94
C GLN A 96 -14.74 7.41 24.07
N PRO A 97 -14.09 8.52 23.73
CA PRO A 97 -13.49 9.44 24.70
C PRO A 97 -14.53 10.19 25.52
N GLU A 98 -14.06 10.95 26.51
CA GLU A 98 -14.98 11.67 27.39
C GLU A 98 -15.02 13.14 26.98
N SER A 99 -13.94 13.61 26.34
CA SER A 99 -13.87 15.01 25.91
C SER A 99 -14.32 15.26 24.47
N ASP A 100 -15.05 16.36 24.26
CA ASP A 100 -15.44 16.77 22.92
C ASP A 100 -14.28 17.50 22.25
N LEU A 101 -13.18 17.66 22.99
CA LEU A 101 -12.01 18.37 22.50
C LEU A 101 -10.99 17.43 21.86
N ALA A 102 -11.11 16.14 22.16
CA ALA A 102 -10.21 15.14 21.62
C ALA A 102 -10.96 13.86 21.25
N SER A 103 -11.74 13.94 20.17
CA SER A 103 -12.40 12.76 19.64
C SER A 103 -11.59 12.12 18.52
N PRO A 104 -10.99 10.95 18.81
CA PRO A 104 -10.22 10.19 17.82
C PRO A 104 -10.89 10.11 16.43
N ILE A 105 -12.15 9.71 16.38
CA ILE A 105 -12.80 9.55 15.09
C ILE A 105 -12.93 10.86 14.30
N HIS A 106 -13.08 11.98 15.00
CA HIS A 106 -13.18 13.29 14.33
C HIS A 106 -11.82 13.79 13.85
N GLU A 107 -10.79 13.59 14.67
CA GLU A 107 -9.47 14.04 14.30
C GLU A 107 -9.00 13.29 13.06
N ALA A 108 -9.26 11.98 13.05
CA ALA A 108 -8.88 11.16 11.92
C ALA A 108 -9.70 11.56 10.67
N ALA A 109 -10.93 11.98 10.89
CA ALA A 109 -11.79 12.38 9.78
C ALA A 109 -11.44 13.75 9.21
N ARG A 110 -11.09 14.72 10.06
CA ARG A 110 -10.74 16.04 9.56
C ARG A 110 -9.38 16.03 8.84
N ARG A 111 -8.55 15.06 9.20
CA ARG A 111 -7.24 14.94 8.59
C ARG A 111 -7.22 13.96 7.40
N GLY A 112 -8.33 13.29 7.14
CA GLY A 112 -8.45 12.38 6.01
C GLY A 112 -7.68 11.10 6.20
N HIS A 113 -7.69 10.60 7.42
CA HIS A 113 -7.02 9.36 7.72
C HIS A 113 -8.02 8.23 7.64
N VAL A 114 -8.37 7.88 6.40
CA VAL A 114 -9.44 6.92 6.12
C VAL A 114 -9.31 5.59 6.86
N GLU A 115 -8.12 5.02 6.74
CA GLU A 115 -7.80 3.75 7.36
CA GLU A 115 -7.84 3.74 7.36
C GLU A 115 -8.00 3.79 8.88
N CYS A 116 -7.74 4.95 9.48
CA CYS A 116 -7.87 5.11 10.92
C CYS A 116 -9.33 5.19 11.28
N VAL A 117 -10.05 6.00 10.50
CA VAL A 117 -11.50 6.07 10.60
C VAL A 117 -12.10 4.69 10.50
N ASN A 118 -11.71 3.95 9.46
CA ASN A 118 -12.23 2.61 9.26
C ASN A 118 -12.08 1.73 10.50
N SER A 119 -10.93 1.81 11.15
CA SER A 119 -10.66 0.94 12.28
C SER A 119 -11.44 1.34 13.47
N LEU A 120 -11.56 2.64 13.69
CA LEU A 120 -12.34 3.14 14.82
C LEU A 120 -13.79 2.68 14.71
N ILE A 121 -14.36 2.77 13.51
CA ILE A 121 -15.72 2.28 13.30
C ILE A 121 -15.81 0.78 13.56
N ALA A 122 -14.88 0.02 13.00
CA ALA A 122 -14.87 -1.43 13.13
C ALA A 122 -14.87 -1.87 14.58
N TYR A 123 -14.21 -1.09 15.43
CA TYR A 123 -14.07 -1.47 16.83
C TYR A 123 -15.22 -0.95 17.71
N GLY A 124 -16.23 -0.36 17.07
CA GLY A 124 -17.49 -0.07 17.74
C GLY A 124 -17.76 1.39 17.98
N GLY A 125 -16.96 2.24 17.34
CA GLY A 125 -17.13 3.66 17.46
C GLY A 125 -18.42 4.10 16.83
N ASN A 126 -18.98 5.18 17.36
CA ASN A 126 -20.23 5.72 16.84
C ASN A 126 -19.92 6.61 15.67
N ILE A 127 -20.38 6.21 14.49
CA ILE A 127 -19.97 6.84 13.24
C ILE A 127 -20.69 8.14 13.09
N ASP A 128 -21.77 8.28 13.84
CA ASP A 128 -22.63 9.43 13.73
C ASP A 128 -22.50 10.37 14.91
N HIS A 129 -21.49 10.16 15.76
CA HIS A 129 -21.33 10.96 16.97
C HIS A 129 -21.38 12.45 16.70
N LYS A 130 -22.37 13.15 17.25
CA LYS A 130 -22.55 14.54 16.87
C LYS A 130 -22.14 15.52 17.95
N ILE A 131 -20.94 16.08 17.81
CA ILE A 131 -20.44 16.98 18.82
C ILE A 131 -20.83 18.45 18.55
N SER A 132 -21.44 19.10 19.53
CA SER A 132 -21.82 20.48 19.36
C SER A 132 -20.58 21.35 19.32
N HIS A 133 -20.36 22.01 18.18
CA HIS A 133 -19.20 22.89 17.82
C HIS A 133 -18.28 22.25 16.80
N LEU A 134 -18.67 21.08 16.31
CA LEU A 134 -17.85 20.36 15.36
C LEU A 134 -18.76 19.71 14.34
N GLY A 135 -19.70 18.90 14.83
CA GLY A 135 -20.60 18.20 13.96
C GLY A 135 -20.26 16.74 13.95
N THR A 136 -20.73 16.03 12.93
CA THR A 136 -20.42 14.62 12.83
C THR A 136 -19.06 14.41 12.16
N PRO A 137 -18.50 13.21 12.25
CA PRO A 137 -17.28 13.00 11.48
C PRO A 137 -17.51 13.23 9.97
N LEU A 138 -18.67 12.85 9.44
CA LEU A 138 -19.01 13.16 8.05
C LEU A 138 -18.91 14.65 7.75
N TYR A 139 -19.35 15.45 8.71
CA TYR A 139 -19.40 16.89 8.52
C TYR A 139 -17.99 17.49 8.43
N LEU A 140 -17.09 17.03 9.28
CA LEU A 140 -15.72 17.58 9.30
C LEU A 140 -14.96 17.14 8.09
N ALA A 141 -15.15 15.88 7.70
CA ALA A 141 -14.53 15.37 6.47
C ALA A 141 -14.98 16.20 5.26
N CYS A 142 -16.22 16.67 5.27
CA CYS A 142 -16.73 17.47 4.16
C CYS A 142 -16.13 18.86 4.16
N GLU A 143 -16.12 19.47 5.34
CA GLU A 143 -15.57 20.80 5.54
C GLU A 143 -14.13 20.88 5.03
N ASN A 144 -13.38 19.83 5.29
CA ASN A 144 -11.98 19.77 4.92
C ASN A 144 -11.75 19.09 3.59
N GLN A 145 -12.84 18.82 2.89
CA GLN A 145 -12.82 18.24 1.55
C GLN A 145 -11.98 16.98 1.48
N GLN A 146 -12.09 16.16 2.51
CA GLN A 146 -11.42 14.89 2.55
C GLN A 146 -12.26 13.88 1.79
N ARG A 147 -12.04 13.78 0.49
CA ARG A 147 -12.88 12.94 -0.36
C ARG A 147 -12.98 11.46 0.05
N ALA A 148 -11.86 10.84 0.41
CA ALA A 148 -11.85 9.41 0.70
C ALA A 148 -12.42 9.10 2.08
N CYS A 149 -12.39 10.05 3.02
CA CYS A 149 -13.05 9.81 4.30
C CYS A 149 -14.55 9.86 4.12
N VAL A 150 -14.99 10.85 3.37
CA VAL A 150 -16.40 10.98 3.07
C VAL A 150 -16.96 9.70 2.44
N LYS A 151 -16.29 9.20 1.41
CA LYS A 151 -16.75 7.96 0.74
C LYS A 151 -16.70 6.77 1.67
N LYS A 152 -15.70 6.70 2.55
CA LYS A 152 -15.60 5.58 3.49
C LYS A 152 -16.74 5.64 4.51
N LEU A 153 -17.00 6.83 5.03
CA LEU A 153 -18.05 7.04 6.02
C LEU A 153 -19.43 6.75 5.45
N LEU A 154 -19.70 7.25 4.25
CA LEU A 154 -20.99 7.00 3.64
C LEU A 154 -21.18 5.52 3.37
N GLU A 155 -20.20 4.89 2.74
CA GLU A 155 -20.27 3.46 2.45
C GLU A 155 -20.52 2.62 3.69
N SER A 156 -20.00 3.08 4.82
CA SER A 156 -20.13 2.36 6.08
C SER A 156 -21.53 2.48 6.68
N GLY A 157 -22.29 3.48 6.27
CA GLY A 157 -23.66 3.61 6.73
C GLY A 157 -23.91 4.89 7.53
N ALA A 158 -22.94 5.79 7.48
CA ALA A 158 -23.09 7.04 8.17
C ALA A 158 -24.29 7.74 7.59
N ASP A 159 -25.01 8.43 8.47
CA ASP A 159 -26.20 9.20 8.17
C ASP A 159 -25.80 10.41 7.35
N VAL A 160 -26.21 10.41 6.08
CA VAL A 160 -25.76 11.42 5.13
C VAL A 160 -26.34 12.80 5.49
N ASN A 161 -27.23 12.87 6.45
CA ASN A 161 -27.89 14.14 6.70
C ASN A 161 -27.56 14.76 8.05
N GLN A 162 -26.88 14.02 8.94
CA GLN A 162 -26.45 14.60 10.22
C GLN A 162 -25.11 15.32 10.09
N GLY A 163 -25.11 16.62 10.32
CA GLY A 163 -23.89 17.39 10.21
C GLY A 163 -23.56 18.08 11.53
N LYS A 164 -23.62 19.41 11.53
CA LYS A 164 -23.32 20.23 12.69
C LYS A 164 -24.52 21.12 12.97
N GLY A 165 -25.21 20.85 14.06
CA GLY A 165 -26.43 21.58 14.37
C GLY A 165 -27.50 21.32 13.33
N GLN A 166 -27.98 22.38 12.69
CA GLN A 166 -29.01 22.29 11.65
C GLN A 166 -28.42 22.31 10.26
N ASP A 167 -27.09 22.40 10.20
CA ASP A 167 -26.36 22.50 8.94
C ASP A 167 -26.02 21.08 8.52
N SER A 168 -26.56 20.64 7.40
CA SER A 168 -26.31 19.27 6.93
C SER A 168 -25.00 19.24 6.15
N PRO A 169 -24.38 18.05 6.02
CA PRO A 169 -23.18 17.93 5.20
C PRO A 169 -23.30 18.55 3.79
N LEU A 170 -24.45 18.43 3.16
CA LEU A 170 -24.68 19.05 1.85
C LEU A 170 -24.46 20.57 1.87
N HIS A 171 -24.84 21.19 2.99
CA HIS A 171 -24.58 22.61 3.20
C HIS A 171 -23.08 22.93 3.21
N ALA A 172 -22.31 22.21 4.02
CA ALA A 172 -20.88 22.46 4.15
C ALA A 172 -20.21 22.29 2.80
N VAL A 173 -20.69 21.28 2.08
CA VAL A 173 -20.18 20.97 0.76
C VAL A 173 -20.52 22.07 -0.25
N ALA A 174 -21.69 22.68 -0.11
CA ALA A 174 -22.06 23.77 -0.99
C ALA A 174 -21.18 25.00 -0.81
N ARG A 175 -20.89 25.36 0.44
CA ARG A 175 -20.02 26.52 0.73
C ARG A 175 -18.67 26.31 0.13
N THR A 176 -18.22 25.08 0.27
CA THR A 176 -16.95 24.62 -0.23
C THR A 176 -16.87 24.65 -1.78
N ALA A 177 -18.05 24.55 -2.43
CA ALA A 177 -18.22 24.45 -3.88
C ALA A 177 -17.69 23.14 -4.49
N SER A 178 -17.56 22.09 -3.67
CA SER A 178 -17.01 20.84 -4.17
C SER A 178 -18.04 20.15 -5.02
N GLU A 179 -17.80 20.10 -6.32
CA GLU A 179 -18.72 19.39 -7.21
C GLU A 179 -18.57 17.90 -6.97
N GLU A 180 -17.33 17.49 -6.71
CA GLU A 180 -17.04 16.07 -6.48
C GLU A 180 -17.79 15.52 -5.25
N LEU A 181 -17.69 16.24 -4.13
CA LEU A 181 -18.33 15.79 -2.89
C LEU A 181 -19.84 15.96 -2.95
N ALA A 182 -20.33 16.92 -3.71
CA ALA A 182 -21.78 17.09 -3.84
C ALA A 182 -22.41 15.85 -4.50
N CYS A 183 -21.87 15.40 -5.63
CA CYS A 183 -22.37 14.23 -6.33
C CYS A 183 -22.39 13.01 -5.40
N LEU A 184 -21.33 12.88 -4.64
CA LEU A 184 -21.17 11.78 -3.72
C LEU A 184 -22.26 11.75 -2.64
N LEU A 185 -22.50 12.88 -2.00
CA LEU A 185 -23.51 12.96 -0.97
C LEU A 185 -24.88 12.67 -1.57
N MET A 186 -25.07 13.04 -2.83
CA MET A 186 -26.41 12.86 -3.37
C MET A 186 -26.65 11.40 -3.72
N ASP A 187 -25.58 10.69 -4.05
CA ASP A 187 -25.70 9.27 -4.30
C ASP A 187 -26.07 8.49 -3.07
N PHE A 188 -25.76 9.02 -1.89
CA PHE A 188 -26.07 8.31 -0.68
C PHE A 188 -27.32 8.89 -0.04
N GLY A 189 -28.01 9.77 -0.77
CA GLY A 189 -29.31 10.22 -0.37
C GLY A 189 -29.39 11.50 0.43
N ALA A 190 -28.48 12.43 0.19
CA ALA A 190 -28.51 13.65 0.96
C ALA A 190 -29.76 14.46 0.62
N ASP A 191 -30.40 15.05 1.62
CA ASP A 191 -31.58 15.89 1.35
C ASP A 191 -31.15 17.23 0.79
N THR A 192 -31.53 17.50 -0.46
CA THR A 192 -31.23 18.79 -1.09
C THR A 192 -32.22 19.86 -0.68
N GLN A 193 -33.28 19.48 0.02
CA GLN A 193 -34.34 20.44 0.38
C GLN A 193 -34.35 20.76 1.87
N ALA A 194 -33.22 20.57 2.53
CA ALA A 194 -33.13 20.82 3.97
C ALA A 194 -32.76 22.26 4.29
N LYS A 195 -33.37 22.85 5.31
CA LYS A 195 -32.99 24.21 5.67
C LYS A 195 -32.20 24.27 6.98
N ASN A 196 -31.17 25.12 7.03
CA ASN A 196 -30.33 25.25 8.22
C ASN A 196 -30.85 26.29 9.23
N ALA A 197 -29.99 26.76 10.14
CA ALA A 197 -30.40 27.74 11.15
C ALA A 197 -30.76 29.09 10.54
N GLU A 198 -30.27 29.36 9.34
CA GLU A 198 -30.56 30.63 8.67
C GLU A 198 -31.69 30.50 7.65
N GLY A 199 -32.40 29.38 7.69
CA GLY A 199 -33.52 29.13 6.80
C GLY A 199 -33.09 28.77 5.39
N LYS A 200 -31.80 28.88 5.11
CA LYS A 200 -31.29 28.66 3.76
C LYS A 200 -31.09 27.17 3.42
N ARG A 201 -31.25 26.85 2.13
CA ARG A 201 -31.09 25.50 1.57
C ARG A 201 -29.73 25.39 0.90
N PRO A 202 -29.26 24.15 0.61
CA PRO A 202 -27.88 24.06 0.10
C PRO A 202 -27.64 24.87 -1.20
N VAL A 203 -28.58 24.83 -2.15
CA VAL A 203 -28.42 25.51 -3.45
C VAL A 203 -28.18 27.03 -3.33
N GLU A 204 -28.58 27.59 -2.21
CA GLU A 204 -28.55 29.02 -2.00
C GLU A 204 -27.19 29.45 -1.51
N LEU A 205 -26.34 28.48 -1.20
CA LEU A 205 -25.01 28.80 -0.69
C LEU A 205 -23.93 28.58 -1.72
N VAL A 206 -24.32 28.27 -2.96
CA VAL A 206 -23.33 27.96 -3.98
C VAL A 206 -23.25 29.13 -4.92
N PRO A 207 -22.01 29.49 -5.27
CA PRO A 207 -21.66 30.60 -6.15
C PRO A 207 -22.55 30.68 -7.38
N PRO A 208 -22.79 31.90 -7.87
CA PRO A 208 -23.70 32.10 -9.00
C PRO A 208 -23.23 31.37 -10.26
N GLU A 209 -21.91 31.13 -10.35
CA GLU A 209 -21.24 30.67 -11.55
C GLU A 209 -21.00 29.16 -11.59
N SER A 210 -21.56 28.45 -10.60
CA SER A 210 -21.33 27.01 -10.51
C SER A 210 -22.50 26.21 -11.11
N PRO A 211 -22.16 25.02 -11.66
CA PRO A 211 -22.93 23.87 -12.13
C PRO A 211 -23.56 23.13 -10.96
N LEU A 212 -23.12 23.46 -9.75
CA LEU A 212 -23.77 22.93 -8.57
C LEU A 212 -25.21 23.43 -8.53
N ALA A 213 -25.43 24.72 -8.85
CA ALA A 213 -26.79 25.25 -8.85
C ALA A 213 -27.63 24.42 -9.83
N GLN A 214 -27.16 24.26 -11.07
CA GLN A 214 -27.90 23.38 -11.98
C GLN A 214 -28.01 21.95 -11.44
N LEU A 215 -27.01 21.47 -10.68
CA LEU A 215 -27.06 20.10 -10.16
C LEU A 215 -28.11 19.94 -9.08
N PHE A 216 -28.19 20.87 -8.13
CA PHE A 216 -29.21 20.78 -7.09
C PHE A 216 -30.63 20.95 -7.67
N LEU A 217 -30.74 21.75 -8.75
CA LEU A 217 -32.03 22.08 -9.41
C LEU A 217 -32.45 21.14 -10.56
N GLU A 218 -31.51 20.70 -11.39
CA GLU A 218 -31.85 19.73 -12.46
C GLU A 218 -32.27 18.41 -11.83
N ARG A 219 -31.69 18.12 -10.67
CA ARG A 219 -32.02 16.94 -9.88
C ARG A 219 -32.91 17.39 -8.73
N GLU A 220 -33.76 18.39 -9.02
CA GLU A 220 -34.76 18.85 -8.08
C GLU A 220 -35.96 17.92 -8.25
N GLY A 221 -35.95 17.16 -9.35
CA GLY A 221 -36.98 16.15 -9.60
C GLY A 221 -36.72 14.96 -8.69
N PRO A 222 -37.39 13.83 -8.93
CA PRO A 222 -37.18 12.68 -8.07
C PRO A 222 -36.11 11.80 -8.64
N PRO A 223 -35.39 11.06 -7.76
CA PRO A 223 -34.29 10.16 -8.15
C PRO A 223 -34.86 9.04 -9.00
N SER A 224 -34.02 8.27 -9.69
CA SER A 224 -34.56 7.13 -10.43
C SER A 224 -35.08 6.09 -9.44
N LEU A 225 -36.01 5.25 -9.88
CA LEU A 225 -36.50 4.16 -9.03
C LEU A 225 -35.35 3.23 -8.57
N MET A 226 -34.35 3.02 -9.42
CA MET A 226 -33.19 2.26 -8.98
C MET A 226 -32.49 2.97 -7.81
N GLN A 227 -32.38 4.29 -7.91
CA GLN A 227 -31.77 5.01 -6.81
C GLN A 227 -32.60 4.88 -5.54
N LEU A 228 -33.92 5.00 -5.71
CA LEU A 228 -34.82 4.84 -4.59
C LEU A 228 -34.76 3.48 -3.96
N CYS A 229 -34.55 2.43 -4.77
CA CYS A 229 -34.48 1.07 -4.24
C CYS A 229 -33.18 0.85 -3.49
N ARG A 230 -32.10 1.42 -4.01
CA ARG A 230 -30.82 1.29 -3.34
C ARG A 230 -30.80 1.90 -1.93
N LEU A 231 -31.38 3.09 -1.80
CA LEU A 231 -31.39 3.76 -0.51
C LEU A 231 -32.15 2.93 0.50
N ARG A 232 -33.23 2.34 0.02
CA ARG A 232 -34.14 1.56 0.85
C ARG A 232 -33.50 0.26 1.32
N ILE A 233 -32.85 -0.44 0.41
CA ILE A 233 -32.12 -1.66 0.72
C ILE A 233 -30.93 -1.43 1.66
N ARG A 234 -30.15 -0.39 1.43
CA ARG A 234 -29.00 -0.16 2.29
C ARG A 234 -29.43 0.25 3.70
N LYS A 235 -30.67 0.71 3.79
CA LYS A 235 -31.18 1.26 5.02
C LYS A 235 -31.45 0.10 5.97
N CYS A 236 -31.50 -1.11 5.42
CA CYS A 236 -31.75 -2.35 6.18
C CYS A 236 -30.51 -2.96 6.86
N PHE A 237 -29.32 -2.51 6.48
CA PHE A 237 -28.09 -3.02 7.04
C PHE A 237 -27.57 -2.03 8.07
N GLY A 238 -26.87 -2.57 9.05
CA GLY A 238 -26.28 -1.76 10.09
C GLY A 238 -24.92 -1.28 9.64
N ILE A 239 -24.20 -0.61 10.53
CA ILE A 239 -22.91 -0.04 10.18
C ILE A 239 -21.92 -1.15 9.81
N GLN A 240 -21.36 -1.03 8.61
CA GLN A 240 -20.35 -1.96 8.08
C GLN A 240 -20.87 -3.38 7.97
N GLN A 241 -22.16 -3.49 7.66
CA GLN A 241 -22.79 -4.79 7.44
C GLN A 241 -23.19 -4.95 6.00
N HIS A 242 -23.03 -3.87 5.22
CA HIS A 242 -23.54 -3.82 3.86
C HIS A 242 -22.90 -4.86 2.97
N HIS A 243 -21.76 -5.38 3.39
CA HIS A 243 -21.08 -6.42 2.64
C HIS A 243 -21.97 -7.66 2.55
N LYS A 244 -22.86 -7.83 3.52
CA LYS A 244 -23.74 -8.99 3.54
C LYS A 244 -24.67 -8.98 2.32
N ILE A 245 -24.67 -7.88 1.58
CA ILE A 245 -25.38 -7.81 0.30
C ILE A 245 -24.86 -8.86 -0.66
N THR A 246 -23.60 -9.25 -0.46
CA THR A 246 -23.01 -10.36 -1.18
C THR A 246 -23.89 -11.62 -1.08
N LYS A 247 -24.49 -11.85 0.07
CA LYS A 247 -25.19 -13.12 0.29
C LYS A 247 -26.58 -13.14 -0.38
N LEU A 248 -26.97 -12.05 -1.02
CA LEU A 248 -28.30 -11.99 -1.61
C LEU A 248 -28.33 -12.68 -2.97
N VAL A 249 -29.49 -13.21 -3.32
CA VAL A 249 -29.66 -13.78 -4.64
C VAL A 249 -30.05 -12.67 -5.63
N LEU A 250 -29.04 -12.16 -6.31
CA LEU A 250 -29.14 -10.95 -7.09
C LEU A 250 -27.99 -10.97 -8.08
N PRO A 251 -28.20 -10.38 -9.27
CA PRO A 251 -27.14 -10.25 -10.26
C PRO A 251 -25.91 -9.50 -9.71
N GLU A 252 -24.69 -9.90 -10.09
CA GLU A 252 -23.49 -9.23 -9.57
C GLU A 252 -23.47 -7.73 -9.87
N ASP A 253 -23.99 -7.34 -11.04
CA ASP A 253 -24.07 -5.93 -11.42
C ASP A 253 -24.84 -5.11 -10.37
N LEU A 254 -25.87 -5.72 -9.79
CA LEU A 254 -26.70 -4.98 -8.87
C LEU A 254 -26.09 -4.96 -7.46
N LYS A 255 -25.40 -6.03 -7.07
CA LYS A 255 -24.67 -6.05 -5.79
C LYS A 255 -23.63 -4.94 -5.75
N GLN A 256 -22.93 -4.72 -6.87
CA GLN A 256 -21.94 -3.66 -6.93
C GLN A 256 -22.57 -2.28 -6.93
N PHE A 257 -23.74 -2.16 -7.55
CA PHE A 257 -24.49 -0.90 -7.51
C PHE A 257 -24.90 -0.58 -6.07
N LEU A 258 -25.43 -1.58 -5.37
CA LEU A 258 -25.81 -1.42 -3.96
C LEU A 258 -24.60 -1.15 -3.10
N LEU A 259 -23.45 -1.64 -3.50
CA LEU A 259 -22.25 -1.49 -2.68
C LEU A 259 -21.50 -0.22 -3.08
N HIS A 260 -22.02 0.48 -4.10
CA HIS A 260 -21.42 1.70 -4.62
C HIS A 260 -20.02 1.40 -5.15
N LEU A 261 -19.90 0.32 -5.92
CA LEU A 261 -18.61 -0.01 -6.51
C LEU A 261 -18.63 0.13 -8.03
N TYR B 3 -52.93 5.82 -23.61
CA TYR B 3 -53.04 4.71 -22.67
C TYR B 3 -52.51 3.37 -23.20
N VAL B 4 -51.76 2.67 -22.35
CA VAL B 4 -51.10 1.43 -22.71
C VAL B 4 -51.44 0.34 -21.70
N LYS B 5 -51.35 -0.92 -22.12
CA LYS B 5 -51.68 -2.03 -21.24
C LYS B 5 -50.39 -2.74 -20.82
N LEU B 6 -50.06 -2.67 -19.55
CA LEU B 6 -48.88 -3.38 -19.06
C LEU B 6 -49.34 -4.61 -18.33
N ILE B 7 -48.86 -5.78 -18.75
CA ILE B 7 -49.34 -7.03 -18.17
C ILE B 7 -48.30 -7.78 -17.38
N SER B 8 -48.61 -8.04 -16.11
CA SER B 8 -47.68 -8.66 -15.20
C SER B 8 -47.52 -10.16 -15.44
N SER B 9 -46.77 -10.82 -14.58
CA SER B 9 -46.41 -12.20 -14.79
C SER B 9 -47.52 -13.14 -14.32
N ASP B 10 -48.33 -12.70 -13.36
CA ASP B 10 -49.38 -13.57 -12.82
C ASP B 10 -50.73 -13.26 -13.46
N GLY B 11 -50.73 -12.38 -14.45
CA GLY B 11 -51.94 -12.11 -15.23
C GLY B 11 -52.60 -10.75 -15.12
N HIS B 12 -52.27 -9.96 -14.10
CA HIS B 12 -52.90 -8.65 -13.93
C HIS B 12 -52.63 -7.71 -15.10
N GLU B 13 -53.65 -6.92 -15.46
CA GLU B 13 -53.52 -5.95 -16.56
C GLU B 13 -53.53 -4.54 -15.97
N PHE B 14 -52.51 -3.76 -16.31
CA PHE B 14 -52.41 -2.39 -15.80
C PHE B 14 -52.56 -1.41 -16.94
N ILE B 15 -53.58 -0.56 -16.85
CA ILE B 15 -53.82 0.46 -17.85
C ILE B 15 -53.30 1.76 -17.27
N VAL B 16 -52.33 2.37 -17.94
CA VAL B 16 -51.77 3.64 -17.47
C VAL B 16 -51.68 4.60 -18.62
N LYS B 17 -51.53 5.89 -18.34
CA LYS B 17 -51.36 6.87 -19.40
C LYS B 17 -50.06 6.55 -20.14
N ARG B 18 -50.11 6.61 -21.46
CA ARG B 18 -48.95 6.34 -22.31
C ARG B 18 -47.75 7.22 -21.97
N GLU B 19 -47.99 8.53 -21.80
CA GLU B 19 -46.89 9.46 -21.50
C GLU B 19 -46.22 9.12 -20.18
N HIS B 20 -46.98 8.53 -19.27
CA HIS B 20 -46.43 8.10 -17.98
C HIS B 20 -45.56 6.86 -18.15
N ALA B 21 -46.10 5.87 -18.86
CA ALA B 21 -45.38 4.63 -19.11
C ALA B 21 -44.10 4.88 -19.92
N LEU B 22 -44.00 6.06 -20.53
CA LEU B 22 -42.82 6.41 -21.33
C LEU B 22 -41.65 6.81 -20.44
N THR B 23 -41.84 6.70 -19.12
CA THR B 23 -40.79 7.01 -18.15
C THR B 23 -39.75 5.90 -18.20
N SER B 24 -40.21 4.72 -18.55
CA SER B 24 -39.33 3.58 -18.74
C SER B 24 -38.75 3.67 -20.13
N GLY B 25 -37.45 3.86 -20.21
CA GLY B 25 -36.78 3.83 -21.49
C GLY B 25 -37.01 2.52 -22.22
N THR B 26 -37.05 1.43 -21.45
CA THR B 26 -37.25 0.10 -22.02
C THR B 26 -38.59 0.02 -22.73
N ILE B 27 -39.61 0.59 -22.10
CA ILE B 27 -40.91 0.62 -22.75
C ILE B 27 -40.89 1.58 -23.95
N LYS B 28 -40.31 2.77 -23.77
CA LYS B 28 -40.19 3.77 -24.84
C LYS B 28 -39.61 3.16 -26.11
N ALA B 29 -38.68 2.22 -25.94
CA ALA B 29 -38.08 1.52 -27.06
C ALA B 29 -39.15 0.65 -27.73
N MET B 30 -39.71 -0.29 -26.98
CA MET B 30 -40.76 -1.20 -27.47
C MET B 30 -42.01 -0.48 -28.01
N LEU B 31 -42.06 0.83 -27.82
CA LEU B 31 -43.13 1.66 -28.34
C LEU B 31 -42.64 2.56 -29.49
N ASN B 43 -49.24 -1.42 -28.50
CA ASN B 43 -50.20 -0.93 -27.53
C ASN B 43 -50.63 -2.02 -26.53
N GLU B 44 -49.65 -2.76 -25.99
CA GLU B 44 -49.89 -3.88 -25.07
C GLU B 44 -48.56 -4.57 -24.76
N VAL B 45 -48.01 -4.32 -23.57
CA VAL B 45 -46.72 -4.89 -23.22
C VAL B 45 -46.78 -5.98 -22.15
N ASN B 46 -46.37 -7.18 -22.53
CA ASN B 46 -46.33 -8.30 -21.61
C ASN B 46 -45.03 -8.34 -20.78
N PHE B 47 -45.13 -8.62 -19.48
CA PHE B 47 -43.92 -8.73 -18.65
C PHE B 47 -43.83 -10.07 -17.93
N ARG B 48 -43.19 -11.03 -18.57
CA ARG B 48 -43.21 -12.40 -18.06
C ARG B 48 -42.39 -12.61 -16.77
N GLU B 49 -41.76 -11.56 -16.27
CA GLU B 49 -40.89 -11.70 -15.09
C GLU B 49 -41.25 -10.79 -13.94
N ILE B 50 -42.04 -9.76 -14.22
CA ILE B 50 -42.44 -8.84 -13.17
C ILE B 50 -43.80 -9.25 -12.64
N PRO B 51 -43.86 -9.57 -11.33
CA PRO B 51 -45.14 -9.97 -10.71
C PRO B 51 -46.03 -8.78 -10.39
N SER B 52 -47.32 -9.04 -10.19
CA SER B 52 -48.27 -7.93 -10.05
C SER B 52 -47.97 -6.97 -8.91
N HIS B 53 -47.44 -7.47 -7.80
CA HIS B 53 -47.22 -6.60 -6.65
C HIS B 53 -46.01 -5.70 -6.86
N VAL B 54 -45.26 -5.95 -7.93
CA VAL B 54 -44.14 -5.09 -8.27
C VAL B 54 -44.55 -4.11 -9.34
N LEU B 55 -45.15 -4.65 -10.39
CA LEU B 55 -45.52 -3.85 -11.55
C LEU B 55 -46.48 -2.74 -11.15
N SER B 56 -47.32 -3.00 -10.16
CA SER B 56 -48.25 -2.00 -9.66
C SER B 56 -47.46 -0.84 -9.08
N LYS B 57 -46.50 -1.14 -8.21
CA LYS B 57 -45.61 -0.11 -7.65
C LYS B 57 -44.85 0.64 -8.75
N VAL B 58 -44.42 -0.09 -9.78
CA VAL B 58 -43.71 0.54 -10.89
C VAL B 58 -44.63 1.58 -11.57
N CYS B 59 -45.91 1.26 -11.73
CA CYS B 59 -46.82 2.23 -12.35
C CYS B 59 -47.00 3.42 -11.45
N MET B 60 -47.06 3.19 -10.14
CA MET B 60 -47.17 4.28 -9.18
C MET B 60 -45.96 5.18 -9.24
N TYR B 61 -44.79 4.59 -9.39
CA TYR B 61 -43.60 5.39 -9.56
C TYR B 61 -43.72 6.28 -10.81
N PHE B 62 -44.24 5.73 -11.90
CA PHE B 62 -44.42 6.53 -13.11
C PHE B 62 -45.28 7.74 -12.82
N THR B 63 -46.40 7.54 -12.12
CA THR B 63 -47.31 8.64 -11.80
C THR B 63 -46.57 9.68 -10.95
N TYR B 64 -45.95 9.20 -9.88
CA TYR B 64 -45.14 10.02 -8.99
C TYR B 64 -44.05 10.80 -9.71
N LYS B 65 -43.35 10.12 -10.62
CA LYS B 65 -42.25 10.71 -11.38
C LYS B 65 -42.72 11.90 -12.20
N VAL B 66 -43.76 11.66 -13.00
CA VAL B 66 -44.30 12.66 -13.89
C VAL B 66 -44.87 13.84 -13.12
N ARG B 67 -45.71 13.57 -12.13
CA ARG B 67 -46.36 14.62 -11.36
C ARG B 67 -45.36 15.57 -10.71
N TYR B 68 -44.30 15.00 -10.14
CA TYR B 68 -43.31 15.75 -9.39
C TYR B 68 -42.05 16.08 -10.17
N THR B 69 -42.06 15.90 -11.49
CA THR B 69 -40.88 16.15 -12.32
C THR B 69 -40.49 17.63 -12.47
N ASN B 70 -41.07 18.50 -11.63
CA ASN B 70 -40.67 19.90 -11.33
C ASN B 70 -41.86 20.78 -10.92
N SER B 71 -42.38 20.60 -9.71
CA SER B 71 -43.59 21.32 -9.34
C SER B 71 -43.31 22.46 -8.35
N SER B 72 -42.02 22.79 -8.22
CA SER B 72 -41.51 23.80 -7.27
C SER B 72 -42.02 23.62 -5.84
N THR B 73 -42.43 22.39 -5.53
CA THR B 73 -42.87 22.03 -4.18
C THR B 73 -41.88 21.02 -3.60
N GLU B 74 -42.04 20.66 -2.33
CA GLU B 74 -41.21 19.61 -1.77
C GLU B 74 -41.75 18.29 -2.29
N ILE B 75 -40.86 17.50 -2.84
CA ILE B 75 -41.22 16.19 -3.32
C ILE B 75 -41.28 15.27 -2.13
N PRO B 76 -42.36 14.48 -2.02
CA PRO B 76 -42.50 13.58 -0.87
C PRO B 76 -41.85 12.21 -1.11
N GLU B 77 -41.62 11.48 -0.03
CA GLU B 77 -40.97 10.18 -0.10
C GLU B 77 -41.86 9.16 -0.82
N PHE B 78 -41.22 8.34 -1.66
CA PHE B 78 -41.86 7.26 -2.38
C PHE B 78 -41.70 6.01 -1.54
N PRO B 79 -42.80 5.52 -0.96
CA PRO B 79 -42.75 4.47 0.05
C PRO B 79 -42.37 3.14 -0.58
N ILE B 80 -41.43 2.44 0.03
CA ILE B 80 -41.00 1.14 -0.47
C ILE B 80 -40.79 0.20 0.69
N ALA B 81 -41.71 -0.76 0.82
CA ALA B 81 -41.56 -1.83 1.81
C ALA B 81 -40.38 -2.72 1.44
N PRO B 82 -39.55 -3.09 2.42
CA PRO B 82 -38.34 -3.89 2.18
C PRO B 82 -38.61 -5.20 1.46
N GLU B 83 -39.76 -5.79 1.71
CA GLU B 83 -40.05 -7.10 1.19
C GLU B 83 -40.17 -7.09 -0.33
N ILE B 84 -40.41 -5.92 -0.93
CA ILE B 84 -40.51 -5.80 -2.39
C ILE B 84 -39.32 -5.12 -3.03
N ALA B 85 -38.38 -4.64 -2.21
CA ALA B 85 -37.31 -3.82 -2.72
C ALA B 85 -36.45 -4.53 -3.75
N LEU B 86 -36.08 -5.79 -3.50
CA LEU B 86 -35.18 -6.49 -4.42
C LEU B 86 -35.87 -6.71 -5.77
N GLU B 87 -37.10 -7.22 -5.76
CA GLU B 87 -37.78 -7.48 -7.02
C GLU B 87 -38.06 -6.20 -7.76
N LEU B 88 -38.16 -5.11 -7.00
CA LEU B 88 -38.50 -3.83 -7.58
C LEU B 88 -37.26 -3.25 -8.23
N LEU B 89 -36.11 -3.52 -7.62
CA LEU B 89 -34.83 -3.04 -8.14
C LEU B 89 -34.53 -3.73 -9.44
N MET B 90 -34.83 -5.03 -9.49
CA MET B 90 -34.65 -5.81 -10.70
C MET B 90 -35.54 -5.25 -11.81
N ALA B 91 -36.76 -4.85 -11.44
CA ALA B 91 -37.69 -4.29 -12.40
C ALA B 91 -37.20 -2.93 -12.86
N ALA B 92 -36.73 -2.13 -11.91
CA ALA B 92 -36.24 -0.80 -12.25
C ALA B 92 -35.03 -0.91 -13.18
N ASN B 93 -34.21 -1.92 -12.94
CA ASN B 93 -33.05 -2.16 -13.78
C ASN B 93 -33.45 -2.55 -15.21
N PHE B 94 -34.37 -3.50 -15.30
CA PHE B 94 -34.85 -3.99 -16.60
C PHE B 94 -35.61 -2.90 -17.35
N LEU B 95 -36.23 -1.99 -16.61
CA LEU B 95 -37.05 -0.96 -17.24
C LEU B 95 -36.32 0.37 -17.45
N ASP B 96 -35.10 0.49 -16.90
CA ASP B 96 -34.29 1.71 -17.04
C ASP B 96 -35.05 2.97 -16.56
N CYS B 97 -35.36 2.99 -15.28
CA CYS B 97 -36.07 4.12 -14.68
C CYS B 97 -35.69 4.26 -13.21
N ASP C 2 -55.67 17.99 -7.84
CA ASP C 2 -55.77 16.73 -8.56
C ASP C 2 -55.71 15.51 -7.61
N VAL C 3 -56.51 14.49 -7.91
CA VAL C 3 -56.65 13.29 -7.07
C VAL C 3 -56.37 11.98 -7.83
N PHE C 4 -55.42 11.19 -7.32
CA PHE C 4 -54.88 10.06 -8.09
C PHE C 4 -55.40 8.70 -7.61
N LEU C 5 -56.07 7.98 -8.50
CA LEU C 5 -56.80 6.77 -8.11
C LEU C 5 -56.45 5.54 -8.93
N MET C 6 -56.60 4.38 -8.30
CA MET C 6 -56.57 3.10 -9.00
C MET C 6 -57.99 2.59 -9.12
N ILE C 7 -58.45 2.38 -10.34
CA ILE C 7 -59.77 1.78 -10.53
C ILE C 7 -59.59 0.31 -10.86
N ARG C 8 -59.99 -0.53 -9.92
CA ARG C 8 -59.71 -1.96 -10.01
C ARG C 8 -61.00 -2.78 -10.01
N ARG C 9 -61.05 -3.79 -10.88
CA ARG C 9 -62.21 -4.66 -11.04
C ARG C 9 -61.66 -5.89 -11.75
N HIS C 10 -61.92 -7.08 -11.19
CA HIS C 10 -61.27 -8.31 -11.63
C HIS C 10 -59.75 -8.18 -11.66
N LYS C 11 -59.10 -8.90 -12.56
CA LYS C 11 -57.64 -8.85 -12.64
C LYS C 11 -57.18 -7.71 -13.54
N THR C 12 -57.95 -6.63 -13.57
CA THR C 12 -57.50 -5.44 -14.30
C THR C 12 -57.48 -4.20 -13.40
N THR C 13 -56.54 -3.30 -13.67
CA THR C 13 -56.38 -2.08 -12.88
C THR C 13 -56.20 -0.85 -13.78
N ILE C 14 -57.05 0.17 -13.61
CA ILE C 14 -56.88 1.43 -14.35
C ILE C 14 -56.23 2.50 -13.48
N PHE C 15 -55.15 3.10 -14.00
CA PHE C 15 -54.40 4.11 -13.26
C PHE C 15 -54.67 5.51 -13.80
N THR C 16 -55.51 6.28 -13.13
CA THR C 16 -55.82 7.63 -13.59
C THR C 16 -56.04 8.65 -12.46
N ASP C 17 -56.28 9.90 -12.84
CA ASP C 17 -56.44 11.03 -11.91
C ASP C 17 -57.61 11.95 -12.27
N ALA C 18 -58.21 12.57 -11.24
CA ALA C 18 -59.33 13.49 -11.43
C ALA C 18 -59.58 14.41 -10.21
N LYS C 19 -60.85 14.75 -9.99
CA LYS C 19 -61.25 15.76 -9.01
C LYS C 19 -62.76 15.73 -8.75
N SER C 22 -63.44 16.73 -9.30
CA SER C 22 -64.90 16.98 -9.26
C SER C 22 -65.82 15.83 -8.83
N THR C 23 -66.60 15.30 -9.77
CA THR C 23 -67.65 14.32 -9.41
C THR C 23 -67.57 12.94 -10.07
N VAL C 24 -68.29 12.01 -9.43
CA VAL C 24 -68.42 10.61 -9.84
C VAL C 24 -69.05 10.44 -11.22
N PHE C 25 -69.92 11.38 -11.59
CA PHE C 25 -70.66 11.29 -12.85
C PHE C 25 -69.74 11.08 -14.05
N GLU C 26 -68.96 12.12 -14.40
CA GLU C 26 -68.06 12.05 -15.55
C GLU C 26 -66.98 10.97 -15.37
N LEU C 27 -66.68 10.64 -14.12
CA LEU C 27 -65.71 9.59 -13.82
C LEU C 27 -66.16 8.22 -14.31
N LYS C 28 -67.47 7.97 -14.33
CA LYS C 28 -68.01 6.71 -14.81
C LYS C 28 -67.86 6.60 -16.34
N ARG C 29 -67.77 7.75 -17.00
CA ARG C 29 -67.63 7.81 -18.46
C ARG C 29 -66.16 7.75 -18.87
N ILE C 30 -65.27 8.13 -17.96
CA ILE C 30 -63.83 8.02 -18.16
C ILE C 30 -63.44 6.56 -18.43
N VAL C 31 -64.10 5.66 -17.71
CA VAL C 31 -63.96 4.22 -17.94
C VAL C 31 -64.49 3.83 -19.32
N GLU C 32 -65.64 4.38 -19.70
CA GLU C 32 -66.24 4.12 -21.00
C GLU C 32 -65.25 4.37 -22.15
N GLY C 33 -64.52 5.48 -22.07
CA GLY C 33 -63.54 5.82 -23.09
C GLY C 33 -62.19 5.20 -22.76
N ILE C 34 -62.20 3.92 -22.43
CA ILE C 34 -60.97 3.19 -22.09
C ILE C 34 -61.22 1.70 -22.22
N LEU C 35 -62.23 1.21 -21.51
CA LEU C 35 -62.56 -0.21 -21.53
C LEU C 35 -63.94 -0.51 -22.17
N LYS C 36 -64.64 0.55 -22.58
CA LYS C 36 -65.93 0.46 -23.29
C LYS C 36 -67.13 -0.08 -22.49
N ARG C 37 -67.83 0.80 -21.78
CA ARG C 37 -69.02 0.40 -21.05
C ARG C 37 -69.97 1.58 -20.80
N PRO C 38 -71.25 1.28 -20.54
CA PRO C 38 -72.18 2.38 -20.26
C PRO C 38 -72.00 2.97 -18.86
N PRO C 39 -71.99 4.31 -18.76
CA PRO C 39 -71.99 5.03 -17.48
C PRO C 39 -73.24 4.76 -16.67
N LYS C 46 -66.59 1.90 -3.68
CA LYS C 46 -65.53 2.39 -2.79
C LYS C 46 -65.52 1.64 -1.46
N ASP C 47 -64.46 0.83 -1.25
CA ASP C 47 -64.36 -0.10 -0.12
C ASP C 47 -65.45 -1.17 -0.16
N ASP C 48 -66.41 -1.08 0.76
CA ASP C 48 -67.59 -1.94 0.70
C ASP C 48 -68.83 -1.08 0.41
N GLN C 49 -68.68 -0.07 -0.44
CA GLN C 49 -69.77 0.86 -0.73
C GLN C 49 -69.92 1.21 -2.22
N LEU C 50 -71.06 1.81 -2.56
CA LEU C 50 -71.36 2.20 -3.93
C LEU C 50 -71.32 3.72 -4.13
N PHE C 62 -61.45 11.54 -0.69
CA PHE C 62 -60.56 11.58 -1.84
C PHE C 62 -59.85 12.92 -1.92
N THR C 63 -58.67 12.99 -1.34
CA THR C 63 -58.03 14.27 -1.13
C THR C 63 -56.57 14.28 -1.54
N SER C 64 -55.98 15.47 -1.49
CA SER C 64 -54.55 15.65 -1.63
C SER C 64 -53.75 14.65 -0.78
N GLN C 65 -54.36 14.19 0.30
CA GLN C 65 -53.69 13.32 1.27
C GLN C 65 -54.10 11.83 1.23
N THR C 66 -55.33 11.56 0.79
CA THR C 66 -55.86 10.18 0.76
C THR C 66 -55.62 9.45 -0.57
N ALA C 67 -55.07 10.16 -1.54
CA ALA C 67 -54.81 9.59 -2.85
C ALA C 67 -53.71 10.38 -3.55
N ARG C 68 -52.48 10.17 -3.11
CA ARG C 68 -51.32 10.82 -3.71
C ARG C 68 -50.84 9.98 -4.91
N PRO C 69 -50.15 10.61 -5.88
CA PRO C 69 -49.70 9.90 -7.09
C PRO C 69 -48.98 8.60 -6.76
N GLN C 70 -48.20 8.61 -5.68
CA GLN C 70 -47.41 7.47 -5.26
C GLN C 70 -48.19 6.56 -4.32
N ALA C 71 -49.36 7.03 -3.89
CA ALA C 71 -50.23 6.22 -3.03
C ALA C 71 -51.68 6.38 -3.45
N PRO C 72 -52.03 5.80 -4.61
CA PRO C 72 -53.36 5.97 -5.21
C PRO C 72 -54.45 5.30 -4.38
N ALA C 73 -55.66 5.86 -4.46
CA ALA C 73 -56.83 5.28 -3.78
C ALA C 73 -57.49 4.21 -4.67
N THR C 74 -57.86 3.08 -4.09
CA THR C 74 -58.51 2.01 -4.87
C THR C 74 -60.03 2.19 -4.97
N VAL C 75 -60.54 2.03 -6.18
CA VAL C 75 -61.97 2.18 -6.46
C VAL C 75 -62.59 0.89 -6.98
N GLU C 91 -58.00 -11.53 -8.21
CA GLU C 91 -58.11 -10.08 -8.08
C GLU C 91 -57.09 -9.39 -7.14
N PRO C 92 -56.84 -9.94 -5.94
CA PRO C 92 -55.75 -9.31 -5.19
C PRO C 92 -54.37 -9.50 -5.86
N PHE C 93 -53.43 -8.61 -5.59
CA PHE C 93 -52.09 -8.71 -6.15
C PHE C 93 -51.29 -9.87 -5.56
N SER C 94 -50.25 -10.31 -6.28
CA SER C 94 -49.36 -11.37 -5.82
C SER C 94 -48.73 -11.05 -4.45
N SER C 95 -48.38 -12.09 -3.70
CA SER C 95 -47.79 -11.87 -2.39
C SER C 95 -46.28 -11.85 -2.47
N PRO C 96 -45.65 -10.82 -1.89
CA PRO C 96 -44.19 -10.68 -1.90
C PRO C 96 -43.52 -11.86 -1.24
N PRO C 97 -42.28 -12.20 -1.66
CA PRO C 97 -41.55 -13.35 -1.10
C PRO C 97 -41.02 -13.02 0.28
N GLU C 98 -40.54 -13.99 1.03
CA GLU C 98 -40.01 -13.70 2.36
C GLU C 98 -38.80 -12.77 2.32
N LEU C 99 -38.70 -11.91 3.32
CA LEU C 99 -37.55 -11.04 3.45
C LEU C 99 -36.34 -11.90 3.72
N PRO C 100 -35.26 -11.67 2.97
CA PRO C 100 -33.97 -12.35 3.23
C PRO C 100 -33.50 -12.13 4.67
N ASP C 101 -32.62 -12.99 5.18
CA ASP C 101 -32.28 -12.90 6.58
C ASP C 101 -31.33 -11.77 6.90
N VAL C 102 -30.37 -11.53 6.00
CA VAL C 102 -29.43 -10.44 6.18
C VAL C 102 -30.16 -9.11 6.22
N MET C 103 -31.34 -9.06 5.61
CA MET C 103 -32.10 -7.82 5.56
C MET C 103 -33.05 -7.58 6.75
N LYS C 104 -33.00 -8.47 7.73
CA LYS C 104 -33.82 -8.30 8.90
C LYS C 104 -33.10 -7.49 9.99
N PRO C 105 -33.89 -6.91 10.92
CA PRO C 105 -33.36 -6.21 12.10
C PRO C 105 -32.63 -7.16 13.03
N ASP D 3 -2.46 33.86 -20.50
CA ASP D 3 -3.34 34.38 -19.46
C ASP D 3 -3.80 33.24 -18.54
N TRP D 4 -5.09 32.92 -18.61
CA TRP D 4 -5.69 31.91 -17.75
C TRP D 4 -6.88 31.32 -18.52
N SER D 5 -7.63 30.44 -17.89
CA SER D 5 -8.67 29.72 -18.58
C SER D 5 -9.72 29.18 -17.62
N PRO D 6 -11.01 29.21 -18.03
CA PRO D 6 -12.04 28.53 -17.22
C PRO D 6 -11.70 27.04 -17.07
N MET D 7 -11.03 26.53 -18.09
CA MET D 7 -10.64 25.13 -18.16
C MET D 7 -9.55 24.79 -17.13
N HIS D 8 -8.55 25.65 -17.03
CA HIS D 8 -7.52 25.49 -16.04
C HIS D 8 -8.13 25.64 -14.65
N GLU D 9 -9.06 26.57 -14.54
CA GLU D 9 -9.67 26.89 -13.24
C GLU D 9 -10.46 25.68 -12.73
N ALA D 10 -11.17 24.99 -13.62
CA ALA D 10 -11.94 23.86 -13.16
C ALA D 10 -10.99 22.71 -12.80
N ALA D 11 -9.92 22.57 -13.57
CA ALA D 11 -8.98 21.48 -13.32
C ALA D 11 -8.23 21.66 -12.00
N ILE D 12 -7.89 22.89 -11.64
CA ILE D 12 -7.26 23.16 -10.34
C ILE D 12 -8.09 22.73 -9.11
N HIS D 13 -9.39 22.96 -9.13
CA HIS D 13 -10.21 22.72 -7.95
C HIS D 13 -10.91 21.35 -7.95
N GLY D 14 -10.70 20.59 -9.02
CA GLY D 14 -11.30 19.28 -9.16
C GLY D 14 -12.77 19.37 -9.45
N HIS D 15 -13.15 20.40 -10.19
CA HIS D 15 -14.55 20.59 -10.53
C HIS D 15 -14.86 19.81 -11.79
N GLN D 16 -15.24 18.55 -11.61
CA GLN D 16 -15.46 17.66 -12.75
C GLN D 16 -16.75 18.01 -13.52
N LEU D 17 -17.73 18.60 -12.85
CA LEU D 17 -18.95 19.05 -13.53
C LEU D 17 -18.69 20.25 -14.40
N SER D 18 -17.93 21.23 -13.91
CA SER D 18 -17.61 22.41 -14.71
C SER D 18 -16.83 22.02 -15.95
N LEU D 19 -15.90 21.09 -15.77
CA LEU D 19 -15.05 20.56 -16.85
C LEU D 19 -15.87 19.85 -17.92
N ARG D 20 -16.83 19.01 -17.49
CA ARG D 20 -17.65 18.28 -18.45
C ARG D 20 -18.51 19.28 -19.21
N ASN D 21 -18.93 20.30 -18.49
CA ASN D 21 -19.73 21.40 -19.02
C ASN D 21 -19.02 22.21 -20.09
N LEU D 22 -17.80 22.60 -19.76
CA LEU D 22 -16.97 23.37 -20.67
C LEU D 22 -16.67 22.51 -21.91
N ILE D 23 -16.31 21.24 -21.69
CA ILE D 23 -15.98 20.36 -22.80
C ILE D 23 -17.15 20.21 -23.76
N SER D 24 -18.36 20.19 -23.22
CA SER D 24 -19.54 19.97 -24.04
C SER D 24 -19.88 21.24 -24.82
N GLN D 25 -19.38 22.37 -24.32
CA GLN D 25 -19.54 23.67 -24.99
C GLN D 25 -18.51 23.93 -26.09
N GLY D 26 -17.42 23.18 -26.10
CA GLY D 26 -16.49 23.21 -27.23
C GLY D 26 -15.07 23.59 -26.89
N TRP D 27 -14.84 23.81 -25.60
CA TRP D 27 -13.51 24.15 -25.11
C TRP D 27 -12.50 23.06 -25.39
N ALA D 28 -11.32 23.49 -25.79
CA ALA D 28 -10.24 22.57 -26.08
C ALA D 28 -9.65 22.05 -24.79
N VAL D 29 -9.14 20.82 -24.82
CA VAL D 29 -8.55 20.24 -23.61
C VAL D 29 -7.03 20.50 -23.58
N ASN D 30 -6.42 20.53 -24.77
CA ASN D 30 -5.01 20.86 -24.93
C ASN D 30 -4.84 22.35 -25.06
N ILE D 31 -5.19 23.07 -24.00
CA ILE D 31 -5.00 24.50 -23.93
C ILE D 31 -3.80 24.72 -23.01
N ILE D 32 -2.96 25.73 -23.27
CA ILE D 32 -1.79 26.00 -22.42
C ILE D 32 -1.64 27.46 -21.99
N THR D 33 -0.98 27.68 -20.85
CA THR D 33 -0.62 29.03 -20.47
C THR D 33 0.73 29.35 -21.12
N ALA D 34 1.26 30.53 -20.86
CA ALA D 34 2.54 30.86 -21.46
C ALA D 34 3.67 29.95 -20.91
N ASP D 35 3.53 29.48 -19.66
CA ASP D 35 4.53 28.59 -19.06
C ASP D 35 4.33 27.14 -19.50
N HIS D 36 3.36 26.93 -20.39
CA HIS D 36 3.05 25.61 -20.97
C HIS D 36 2.40 24.61 -20.02
N VAL D 37 1.57 25.15 -19.12
CA VAL D 37 0.76 24.35 -18.22
C VAL D 37 -0.59 24.10 -18.85
N SER D 38 -0.98 22.83 -18.91
CA SER D 38 -2.30 22.42 -19.37
C SER D 38 -3.25 22.12 -18.19
N PRO D 39 -4.57 22.07 -18.46
CA PRO D 39 -5.45 21.66 -17.35
C PRO D 39 -5.11 20.31 -16.79
N LEU D 40 -4.60 19.39 -17.59
CA LEU D 40 -4.16 18.10 -17.08
C LEU D 40 -3.06 18.28 -16.05
N HIS D 41 -2.18 19.25 -16.27
CA HIS D 41 -1.10 19.50 -15.31
C HIS D 41 -1.74 19.91 -14.01
N GLU D 42 -2.75 20.78 -14.09
CA GLU D 42 -3.38 21.27 -12.86
C GLU D 42 -4.22 20.22 -12.16
N ALA D 43 -4.89 19.36 -12.93
CA ALA D 43 -5.68 18.30 -12.34
C ALA D 43 -4.77 17.32 -11.59
N CYS D 44 -3.63 16.98 -12.17
CA CYS D 44 -2.71 16.00 -11.59
C CYS D 44 -2.09 16.53 -10.31
N LEU D 45 -1.76 17.82 -10.32
CA LEU D 45 -1.20 18.47 -9.16
C LEU D 45 -2.12 18.38 -7.94
N GLY D 46 -3.44 18.47 -8.18
CA GLY D 46 -4.42 18.41 -7.11
C GLY D 46 -4.90 17.02 -6.72
N GLY D 47 -4.52 16.00 -7.49
CA GLY D 47 -4.93 14.64 -7.20
C GLY D 47 -6.40 14.45 -7.53
N HIS D 48 -6.87 15.20 -8.52
CA HIS D 48 -8.28 15.12 -8.89
C HIS D 48 -8.49 14.05 -9.97
N LEU D 49 -8.65 12.82 -9.52
CA LEU D 49 -8.74 11.69 -10.42
C LEU D 49 -9.90 11.77 -11.43
N SER D 50 -11.10 12.19 -11.00
CA SER D 50 -12.21 12.30 -11.95
C SER D 50 -11.87 13.29 -13.06
N CYS D 51 -11.19 14.38 -12.72
CA CYS D 51 -10.77 15.35 -13.74
C CYS D 51 -9.66 14.84 -14.65
N VAL D 52 -8.73 14.07 -14.08
CA VAL D 52 -7.66 13.48 -14.86
C VAL D 52 -8.30 12.57 -15.89
N LYS D 53 -9.26 11.76 -15.43
CA LYS D 53 -10.02 10.89 -16.31
C LYS D 53 -10.72 11.66 -17.43
N ILE D 54 -11.49 12.70 -17.10
CA ILE D 54 -12.25 13.44 -18.11
C ILE D 54 -11.33 14.08 -19.15
N LEU D 55 -10.22 14.67 -18.71
CA LEU D 55 -9.27 15.29 -19.63
C LEU D 55 -8.58 14.25 -20.53
N LEU D 56 -8.23 13.08 -19.97
CA LEU D 56 -7.57 12.04 -20.75
C LEU D 56 -8.50 11.43 -21.81
N LYS D 57 -9.78 11.25 -21.43
CA LYS D 57 -10.77 10.68 -22.34
C LYS D 57 -10.90 11.54 -23.57
N HIS D 58 -10.66 12.84 -23.40
CA HIS D 58 -10.89 13.82 -24.46
C HIS D 58 -9.61 14.26 -25.11
N GLY D 59 -8.56 13.47 -24.91
CA GLY D 59 -7.33 13.65 -25.67
C GLY D 59 -6.29 14.58 -25.05
N ALA D 60 -6.22 14.63 -23.72
CA ALA D 60 -5.19 15.43 -23.07
C ALA D 60 -3.83 14.82 -23.37
N GLN D 61 -2.80 15.64 -23.43
CA GLN D 61 -1.45 15.13 -23.71
C GLN D 61 -0.76 14.87 -22.40
N VAL D 62 -0.33 13.62 -22.20
CA VAL D 62 0.11 13.17 -20.89
C VAL D 62 1.59 13.45 -20.65
N ASN D 63 2.28 13.85 -21.71
CA ASN D 63 3.73 14.06 -21.62
C ASN D 63 4.15 15.49 -21.89
N GLY D 64 3.21 16.43 -21.82
CA GLY D 64 3.53 17.84 -22.02
C GLY D 64 4.47 18.33 -20.93
N VAL D 65 5.36 19.26 -21.28
CA VAL D 65 6.38 19.72 -20.35
C VAL D 65 6.26 21.22 -20.09
N THR D 66 6.13 21.61 -18.84
CA THR D 66 5.99 23.02 -18.52
C THR D 66 7.34 23.72 -18.57
N ALA D 67 7.33 25.04 -18.43
CA ALA D 67 8.54 25.84 -18.50
C ALA D 67 9.42 25.58 -17.30
N ASP D 68 8.84 25.02 -16.23
CA ASP D 68 9.62 24.58 -15.07
C ASP D 68 9.91 23.08 -15.16
N TRP D 69 9.77 22.53 -16.36
CA TRP D 69 10.14 21.15 -16.63
C TRP D 69 9.26 20.12 -15.94
N HIS D 70 8.02 20.48 -15.62
CA HIS D 70 7.09 19.57 -14.94
C HIS D 70 6.18 18.86 -15.92
N THR D 71 5.97 17.57 -15.67
CA THR D 71 5.04 16.74 -16.42
C THR D 71 3.81 16.39 -15.56
N PRO D 72 2.70 15.97 -16.21
CA PRO D 72 1.56 15.54 -15.42
C PRO D 72 1.94 14.44 -14.47
N LEU D 73 2.83 13.55 -14.89
CA LEU D 73 3.25 12.48 -14.02
C LEU D 73 4.02 13.02 -12.83
N PHE D 74 4.85 14.03 -13.07
CA PHE D 74 5.61 14.57 -11.96
C PHE D 74 4.65 15.19 -10.94
N ASN D 75 3.75 16.02 -11.43
CA ASN D 75 2.73 16.63 -10.58
C ASN D 75 1.89 15.61 -9.81
N ALA D 76 1.57 14.50 -10.45
CA ALA D 76 0.80 13.47 -9.79
C ALA D 76 1.61 12.88 -8.63
N CYS D 77 2.92 12.86 -8.78
CA CYS D 77 3.76 12.34 -7.72
C CYS D 77 3.86 13.33 -6.59
N VAL D 78 3.68 14.61 -6.89
CA VAL D 78 3.67 15.64 -5.86
C VAL D 78 2.40 15.52 -5.03
N SER D 79 1.30 15.22 -5.72
CA SER D 79 -0.01 15.11 -5.08
C SER D 79 -0.12 13.87 -4.18
N GLY D 80 0.51 12.77 -4.57
CA GLY D 80 0.43 11.52 -3.82
C GLY D 80 -0.73 10.64 -4.27
N SER D 81 -1.47 11.09 -5.27
CA SER D 81 -2.58 10.27 -5.80
C SER D 81 -2.06 9.07 -6.56
N TRP D 82 -2.10 7.91 -5.91
CA TRP D 82 -1.67 6.70 -6.57
C TRP D 82 -2.55 6.42 -7.79
N ASP D 83 -3.84 6.75 -7.70
CA ASP D 83 -4.77 6.49 -8.78
C ASP D 83 -4.39 7.32 -9.99
N CYS D 84 -4.01 8.57 -9.75
CA CYS D 84 -3.59 9.46 -10.83
C CYS D 84 -2.30 8.99 -11.47
N VAL D 85 -1.31 8.67 -10.64
CA VAL D 85 -0.03 8.17 -11.14
C VAL D 85 -0.19 6.94 -12.02
N ASN D 86 -0.84 5.92 -11.47
CA ASN D 86 -1.09 4.66 -12.15
C ASN D 86 -1.87 4.90 -13.44
N LEU D 87 -2.85 5.81 -13.39
CA LEU D 87 -3.65 6.13 -14.56
C LEU D 87 -2.80 6.77 -15.66
N LEU D 88 -1.93 7.70 -15.28
CA LEU D 88 -1.07 8.33 -16.27
C LEU D 88 -0.12 7.32 -16.90
N LEU D 89 0.39 6.41 -16.09
CA LEU D 89 1.34 5.41 -16.55
C LEU D 89 0.69 4.46 -17.56
N GLN D 90 -0.57 4.15 -17.30
CA GLN D 90 -1.36 3.31 -18.18
C GLN D 90 -1.48 4.01 -19.51
N HIS D 91 -1.58 5.34 -19.46
CA HIS D 91 -1.73 6.14 -20.68
C HIS D 91 -0.38 6.52 -21.29
N GLY D 92 0.69 5.87 -20.83
CA GLY D 92 1.96 6.02 -21.49
C GLY D 92 2.75 7.27 -21.10
N ALA D 93 2.45 7.82 -19.93
CA ALA D 93 3.25 8.92 -19.40
C ALA D 93 4.69 8.44 -19.23
N SER D 94 5.63 9.26 -19.69
CA SER D 94 7.03 8.90 -19.61
C SER D 94 7.51 8.84 -18.14
N VAL D 95 8.18 7.75 -17.79
CA VAL D 95 8.64 7.53 -16.42
C VAL D 95 9.79 8.44 -16.00
N GLN D 96 10.78 8.62 -16.87
CA GLN D 96 11.90 9.53 -16.54
C GLN D 96 11.92 10.78 -17.41
N PRO D 97 11.36 11.88 -16.91
CA PRO D 97 11.42 13.17 -17.63
C PRO D 97 12.86 13.64 -17.72
N GLU D 98 13.11 14.75 -18.39
CA GLU D 98 14.48 15.12 -18.78
C GLU D 98 15.20 16.03 -17.80
N SER D 99 14.45 16.75 -16.97
CA SER D 99 15.09 17.64 -16.01
C SER D 99 15.42 16.95 -14.69
N ASP D 100 16.57 17.30 -14.13
CA ASP D 100 16.99 16.81 -12.82
C ASP D 100 16.25 17.56 -11.73
N LEU D 101 15.45 18.52 -12.12
CA LEU D 101 14.72 19.31 -11.15
C LEU D 101 13.34 18.70 -10.96
N ALA D 102 12.95 17.81 -11.88
CA ALA D 102 11.62 17.21 -11.81
C ALA D 102 11.62 15.70 -12.08
N SER D 103 12.22 14.94 -11.17
CA SER D 103 12.23 13.48 -11.23
C SER D 103 11.10 12.87 -10.41
N PRO D 104 10.12 12.28 -11.10
CA PRO D 104 8.99 11.61 -10.46
C PRO D 104 9.40 10.71 -9.33
N ILE D 105 10.32 9.79 -9.59
CA ILE D 105 10.67 8.81 -8.57
C ILE D 105 11.35 9.39 -7.34
N HIS D 106 12.08 10.49 -7.51
CA HIS D 106 12.74 11.11 -6.38
C HIS D 106 11.72 11.86 -5.54
N GLU D 107 10.81 12.54 -6.23
CA GLU D 107 9.82 13.36 -5.57
C GLU D 107 8.93 12.47 -4.74
N ALA D 108 8.54 11.34 -5.33
CA ALA D 108 7.67 10.41 -4.62
C ALA D 108 8.39 9.78 -3.44
N ALA D 109 9.69 9.60 -3.59
CA ALA D 109 10.47 9.00 -2.53
C ALA D 109 10.69 9.98 -1.36
N ARG D 110 10.92 11.25 -1.66
CA ARG D 110 11.19 12.23 -0.60
C ARG D 110 9.93 12.53 0.23
N ARG D 111 8.77 12.30 -0.37
CA ARG D 111 7.51 12.53 0.32
C ARG D 111 6.97 11.22 0.94
N GLY D 112 7.65 10.11 0.66
CA GLY D 112 7.27 8.83 1.19
C GLY D 112 6.01 8.30 0.54
N HIS D 113 5.89 8.51 -0.76
CA HIS D 113 4.73 8.02 -1.48
C HIS D 113 5.10 6.67 -2.07
N VAL D 114 5.19 5.71 -1.16
CA VAL D 114 5.72 4.38 -1.42
C VAL D 114 5.01 3.63 -2.56
N GLU D 115 3.70 3.64 -2.55
CA GLU D 115 2.92 3.03 -3.65
C GLU D 115 3.26 3.65 -5.03
N CYS D 116 3.56 4.94 -5.06
CA CYS D 116 3.86 5.62 -6.32
C CYS D 116 5.23 5.20 -6.79
N VAL D 117 6.17 5.21 -5.84
CA VAL D 117 7.52 4.71 -6.06
C VAL D 117 7.45 3.32 -6.64
N ASN D 118 6.56 2.53 -6.07
CA ASN D 118 6.40 1.14 -6.44
C ASN D 118 5.87 1.05 -7.88
N SER D 119 4.93 1.92 -8.24
CA SER D 119 4.36 1.91 -9.59
C SER D 119 5.36 2.45 -10.61
N LEU D 120 6.14 3.45 -10.22
CA LEU D 120 7.17 4.04 -11.08
C LEU D 120 8.24 3.02 -11.43
N ILE D 121 8.68 2.28 -10.41
CA ILE D 121 9.71 1.27 -10.62
C ILE D 121 9.16 0.21 -11.58
N ALA D 122 7.93 -0.22 -11.32
CA ALA D 122 7.29 -1.26 -12.12
C ALA D 122 7.23 -0.91 -13.59
N TYR D 123 7.06 0.39 -13.86
CA TYR D 123 6.90 0.85 -15.24
C TYR D 123 8.23 1.22 -15.89
N GLY D 124 9.32 0.90 -15.20
CA GLY D 124 10.66 0.92 -15.78
C GLY D 124 11.58 2.03 -15.32
N GLY D 125 11.18 2.76 -14.27
CA GLY D 125 11.99 3.83 -13.73
C GLY D 125 13.26 3.31 -13.10
N ASN D 126 14.30 4.13 -13.12
CA ASN D 126 15.61 3.75 -12.61
C ASN D 126 15.65 3.98 -11.10
N ILE D 127 15.80 2.91 -10.34
CA ILE D 127 15.64 2.98 -8.89
C ILE D 127 16.91 3.53 -8.25
N ASP D 128 18.00 3.47 -9.00
CA ASP D 128 19.30 3.87 -8.48
C ASP D 128 19.73 5.17 -9.14
N HIS D 129 18.81 5.80 -9.88
CA HIS D 129 19.09 7.06 -10.58
C HIS D 129 19.72 8.07 -9.63
N LYS D 130 20.97 8.42 -9.87
CA LYS D 130 21.71 9.27 -8.95
C LYS D 130 21.88 10.67 -9.52
N ILE D 131 21.05 11.59 -9.05
CA ILE D 131 21.05 12.98 -9.49
C ILE D 131 22.06 13.75 -8.65
N SER D 132 22.83 14.65 -9.28
CA SER D 132 23.95 15.34 -8.61
C SER D 132 23.66 16.17 -7.36
N HIS D 133 22.67 17.05 -7.41
CA HIS D 133 22.34 17.88 -6.24
C HIS D 133 21.42 17.19 -5.23
N LEU D 134 21.18 15.90 -5.41
CA LEU D 134 20.11 15.21 -4.67
C LEU D 134 20.49 13.85 -4.15
N GLY D 135 20.95 12.99 -5.04
CA GLY D 135 21.29 11.63 -4.68
C GLY D 135 20.35 10.63 -5.29
N THR D 136 20.33 9.42 -4.75
CA THR D 136 19.44 8.36 -5.22
C THR D 136 18.10 8.51 -4.55
N PRO D 137 17.06 7.83 -5.07
CA PRO D 137 15.79 7.88 -4.32
C PRO D 137 15.92 7.33 -2.91
N LEU D 138 16.69 6.27 -2.72
CA LEU D 138 17.00 5.76 -1.39
C LEU D 138 17.60 6.83 -0.48
N TYR D 139 18.44 7.68 -1.04
CA TYR D 139 19.11 8.69 -0.22
C TYR D 139 18.13 9.73 0.31
N LEU D 140 17.20 10.18 -0.54
CA LEU D 140 16.24 11.21 -0.16
C LEU D 140 15.22 10.69 0.85
N ALA D 141 14.76 9.45 0.66
CA ALA D 141 13.86 8.83 1.64
C ALA D 141 14.56 8.75 2.99
N CYS D 142 15.87 8.56 2.98
CA CYS D 142 16.65 8.50 4.20
C CYS D 142 16.80 9.87 4.85
N GLU D 143 17.16 10.87 4.04
CA GLU D 143 17.27 12.24 4.54
C GLU D 143 15.94 12.68 5.15
N ASN D 144 14.84 12.29 4.52
CA ASN D 144 13.49 12.71 4.95
C ASN D 144 12.81 11.72 5.88
N GLN D 145 13.56 10.71 6.28
CA GLN D 145 13.10 9.69 7.21
C GLN D 145 11.77 9.05 6.80
N GLN D 146 11.61 8.79 5.51
CA GLN D 146 10.45 8.06 5.06
C GLN D 146 10.76 6.57 5.25
N ARG D 147 10.50 6.10 6.45
CA ARG D 147 10.81 4.76 6.88
C ARG D 147 10.22 3.66 5.95
N ALA D 148 9.00 3.86 5.46
CA ALA D 148 8.35 2.83 4.66
C ALA D 148 8.84 2.80 3.23
N CYS D 149 9.33 3.94 2.75
CA CYS D 149 9.94 4.04 1.42
C CYS D 149 11.30 3.39 1.38
N VAL D 150 12.11 3.66 2.41
CA VAL D 150 13.41 3.04 2.54
C VAL D 150 13.28 1.52 2.50
N LYS D 151 12.37 0.99 3.33
CA LYS D 151 12.15 -0.45 3.36
C LYS D 151 11.65 -1.04 2.04
N LYS D 152 10.76 -0.32 1.34
CA LYS D 152 10.23 -0.82 0.05
C LYS D 152 11.31 -0.77 -1.05
N LEU D 153 12.08 0.30 -1.07
CA LEU D 153 13.18 0.46 -2.01
C LEU D 153 14.24 -0.63 -1.85
N LEU D 154 14.64 -0.90 -0.61
CA LEU D 154 15.64 -1.91 -0.36
C LEU D 154 15.14 -3.28 -0.81
N GLU D 155 13.95 -3.65 -0.35
CA GLU D 155 13.31 -4.91 -0.74
C GLU D 155 13.19 -5.08 -2.25
N SER D 156 12.98 -3.97 -2.96
CA SER D 156 12.81 -4.00 -4.41
C SER D 156 14.14 -4.22 -5.11
N GLY D 157 15.23 -3.91 -4.41
CA GLY D 157 16.55 -4.12 -4.96
C GLY D 157 17.42 -2.87 -5.16
N ALA D 158 17.02 -1.75 -4.58
CA ALA D 158 17.79 -0.52 -4.69
C ALA D 158 19.13 -0.75 -4.06
N ASP D 159 20.17 -0.15 -4.65
CA ASP D 159 21.56 -0.26 -4.18
C ASP D 159 21.73 0.44 -2.85
N VAL D 160 22.02 -0.35 -1.82
CA VAL D 160 22.06 0.16 -0.47
C VAL D 160 23.24 1.12 -0.22
N ASN D 161 24.18 1.22 -1.17
CA ASN D 161 25.37 2.04 -0.93
C ASN D 161 25.49 3.27 -1.81
N GLN D 162 24.65 3.41 -2.81
CA GLN D 162 24.63 4.63 -3.62
C GLN D 162 23.74 5.69 -2.96
N GLY D 163 24.35 6.81 -2.58
CA GLY D 163 23.66 7.91 -1.93
C GLY D 163 23.77 9.22 -2.70
N LYS D 164 24.45 10.20 -2.12
CA LYS D 164 24.68 11.47 -2.81
C LYS D 164 26.18 11.80 -2.88
N GLY D 165 26.74 11.66 -4.07
CA GLY D 165 28.18 11.82 -4.24
C GLY D 165 28.91 10.71 -3.53
N GLN D 166 29.79 11.09 -2.60
CA GLN D 166 30.56 10.11 -1.84
C GLN D 166 29.89 9.86 -0.51
N ASP D 167 28.71 10.44 -0.32
CA ASP D 167 27.96 10.24 0.90
C ASP D 167 27.02 9.07 0.73
N SER D 168 27.18 8.01 1.50
CA SER D 168 26.29 6.84 1.40
C SER D 168 25.05 7.03 2.27
N PRO D 169 23.97 6.33 1.93
CA PRO D 169 22.72 6.37 2.71
C PRO D 169 22.94 6.15 4.21
N LEU D 170 23.82 5.24 4.58
CA LEU D 170 24.15 5.04 5.99
C LEU D 170 24.66 6.32 6.65
N HIS D 171 25.44 7.12 5.92
CA HIS D 171 25.90 8.40 6.42
C HIS D 171 24.72 9.31 6.74
N ALA D 172 23.83 9.45 5.77
CA ALA D 172 22.69 10.33 5.91
C ALA D 172 21.80 9.97 7.10
N VAL D 173 21.68 8.66 7.36
CA VAL D 173 20.89 8.16 8.48
C VAL D 173 21.55 8.47 9.82
N ALA D 174 22.88 8.43 9.83
CA ALA D 174 23.67 8.73 11.03
C ALA D 174 23.49 10.18 11.51
N ARG D 175 23.48 11.14 10.58
CA ARG D 175 23.26 12.56 10.90
C ARG D 175 21.88 12.74 11.49
N THR D 176 20.96 11.97 10.95
CA THR D 176 19.56 11.91 11.35
C THR D 176 19.37 11.27 12.74
N ALA D 177 20.30 10.39 13.12
CA ALA D 177 20.29 9.60 14.35
C ALA D 177 19.19 8.54 14.40
N SER D 178 18.63 8.17 13.24
CA SER D 178 17.54 7.18 13.19
C SER D 178 18.04 5.78 13.47
N GLU D 179 17.68 5.26 14.64
CA GLU D 179 18.08 3.93 15.01
C GLU D 179 17.32 2.94 14.15
N GLU D 180 16.05 3.28 13.87
CA GLU D 180 15.17 2.43 13.06
C GLU D 180 15.73 2.25 11.64
N LEU D 181 16.12 3.35 11.01
CA LEU D 181 16.66 3.30 9.65
C LEU D 181 18.08 2.72 9.58
N ALA D 182 18.85 2.89 10.63
CA ALA D 182 20.22 2.38 10.66
C ALA D 182 20.21 0.86 10.65
N CYS D 183 19.42 0.26 11.53
CA CYS D 183 19.32 -1.19 11.56
C CYS D 183 18.85 -1.74 10.21
N LEU D 184 17.88 -1.05 9.62
CA LEU D 184 17.33 -1.44 8.34
C LEU D 184 18.40 -1.44 7.25
N LEU D 185 19.19 -0.38 7.20
CA LEU D 185 20.21 -0.27 6.18
C LEU D 185 21.30 -1.33 6.35
N MET D 186 21.59 -1.64 7.59
CA MET D 186 22.69 -2.53 7.87
C MET D 186 22.24 -3.97 7.66
N ASP D 187 20.95 -4.19 7.85
CA ASP D 187 20.37 -5.49 7.59
C ASP D 187 20.48 -5.79 6.08
N PHE D 188 20.52 -4.75 5.25
CA PHE D 188 20.56 -4.94 3.80
C PHE D 188 21.95 -4.77 3.24
N GLY D 189 22.94 -4.66 4.13
CA GLY D 189 24.34 -4.69 3.73
C GLY D 189 25.03 -3.37 3.48
N ALA D 190 24.62 -2.32 4.17
CA ALA D 190 25.27 -1.02 4.00
C ALA D 190 26.70 -1.12 4.50
N ASP D 191 27.62 -0.50 3.76
CA ASP D 191 29.02 -0.50 4.13
C ASP D 191 29.21 0.49 5.29
N THR D 192 29.60 -0.03 6.45
CA THR D 192 29.84 0.82 7.62
C THR D 192 31.23 1.45 7.60
N GLN D 193 32.07 1.00 6.67
CA GLN D 193 33.45 1.46 6.62
C GLN D 193 33.75 2.29 5.40
N ALA D 194 32.71 2.90 4.83
CA ALA D 194 32.90 3.78 3.68
C ALA D 194 33.16 5.18 4.22
N LYS D 195 34.07 5.90 3.59
CA LYS D 195 34.34 7.26 4.00
C LYS D 195 33.73 8.20 2.95
N ASN D 196 33.16 9.32 3.40
CA ASN D 196 32.57 10.29 2.46
C ASN D 196 33.60 11.34 2.01
N ALA D 197 33.16 12.45 1.41
CA ALA D 197 34.10 13.44 0.90
C ALA D 197 34.94 14.11 1.98
N GLU D 198 34.42 14.11 3.20
CA GLU D 198 35.10 14.75 4.31
C GLU D 198 35.92 13.74 5.12
N GLY D 199 36.14 12.56 4.53
CA GLY D 199 36.95 11.52 5.13
C GLY D 199 36.28 10.72 6.23
N LYS D 200 35.08 11.15 6.63
CA LYS D 200 34.40 10.53 7.77
C LYS D 200 33.60 9.27 7.43
N ARG D 201 33.53 8.37 8.41
CA ARG D 201 32.76 7.14 8.28
C ARG D 201 31.46 7.34 9.04
N PRO D 202 30.43 6.52 8.74
CA PRO D 202 29.12 6.80 9.33
C PRO D 202 29.16 6.86 10.85
N VAL D 203 29.94 6.00 11.48
CA VAL D 203 30.01 5.98 12.94
C VAL D 203 30.46 7.32 13.55
N GLU D 204 31.16 8.13 12.77
CA GLU D 204 31.79 9.35 13.29
C GLU D 204 30.79 10.51 13.28
N LEU D 205 29.63 10.26 12.68
CA LEU D 205 28.59 11.28 12.54
C LEU D 205 27.51 11.04 13.56
N VAL D 206 27.82 10.17 14.52
CA VAL D 206 26.90 9.76 15.57
C VAL D 206 27.35 10.33 16.93
N PRO D 207 26.38 10.84 17.73
CA PRO D 207 26.61 11.37 19.10
C PRO D 207 27.47 10.42 19.92
N PRO D 208 28.29 10.95 20.85
CA PRO D 208 29.34 10.21 21.61
C PRO D 208 29.02 8.76 22.00
N GLU D 209 28.43 8.57 23.18
CA GLU D 209 28.18 7.24 23.74
C GLU D 209 26.71 6.83 23.56
N SER D 210 26.22 6.92 22.32
CA SER D 210 24.81 6.66 21.99
C SER D 210 24.62 5.19 21.58
N PRO D 211 23.37 4.68 21.69
CA PRO D 211 23.18 3.27 21.36
C PRO D 211 23.50 2.98 19.92
N LEU D 212 23.36 4.00 19.08
CA LEU D 212 23.72 3.88 17.68
C LEU D 212 25.23 3.67 17.51
N ALA D 213 26.03 4.42 18.28
CA ALA D 213 27.49 4.26 18.25
C ALA D 213 27.89 2.84 18.60
N GLN D 214 27.33 2.35 19.70
CA GLN D 214 27.55 0.99 20.14
C GLN D 214 27.11 -0.03 19.10
N LEU D 215 26.15 0.35 18.28
CA LEU D 215 25.67 -0.55 17.25
C LEU D 215 26.73 -0.64 16.14
N PHE D 216 27.23 0.51 15.69
CA PHE D 216 28.26 0.59 14.64
C PHE D 216 29.58 -0.08 14.98
N LEU D 217 29.93 -0.10 16.27
CA LEU D 217 31.19 -0.64 16.72
C LEU D 217 31.09 -2.15 16.84
N GLU D 218 29.90 -2.63 17.24
CA GLU D 218 29.62 -4.06 17.32
C GLU D 218 29.72 -4.73 15.96
N ARG D 219 29.41 -3.97 14.92
CA ARG D 219 29.51 -4.44 13.53
C ARG D 219 30.75 -3.88 12.79
N GLU D 220 31.88 -3.74 13.49
CA GLU D 220 33.09 -3.20 12.87
C GLU D 220 33.95 -4.26 12.15
N GLY D 221 33.70 -5.54 12.44
CA GLY D 221 34.36 -6.63 11.74
C GLY D 221 33.80 -6.93 10.36
N PRO D 222 34.17 -8.09 9.77
CA PRO D 222 33.61 -8.52 8.49
C PRO D 222 32.36 -9.37 8.71
N PRO D 223 31.42 -9.34 7.75
CA PRO D 223 30.12 -10.02 7.87
C PRO D 223 30.21 -11.53 8.06
N SER D 224 29.12 -12.16 8.48
CA SER D 224 29.09 -13.61 8.50
C SER D 224 29.05 -14.06 7.06
N LEU D 225 29.53 -15.27 6.79
CA LEU D 225 29.47 -15.84 5.45
C LEU D 225 28.02 -15.96 4.98
N MET D 226 27.13 -16.27 5.91
CA MET D 226 25.71 -16.33 5.61
C MET D 226 25.21 -14.97 5.10
N GLN D 227 25.66 -13.89 5.72
CA GLN D 227 25.31 -12.55 5.28
C GLN D 227 25.83 -12.23 3.87
N LEU D 228 27.11 -12.53 3.64
CA LEU D 228 27.77 -12.35 2.33
C LEU D 228 27.11 -13.15 1.23
N CYS D 229 26.62 -14.34 1.58
CA CYS D 229 25.94 -15.17 0.60
C CYS D 229 24.59 -14.57 0.24
N ARG D 230 23.92 -13.97 1.21
CA ARG D 230 22.64 -13.34 0.95
C ARG D 230 22.77 -12.16 -0.01
N LEU D 231 23.77 -11.31 0.24
CA LEU D 231 24.01 -10.13 -0.60
C LEU D 231 24.25 -10.53 -2.03
N ARG D 232 25.02 -11.60 -2.18
CA ARG D 232 25.44 -12.10 -3.47
C ARG D 232 24.28 -12.69 -4.26
N ILE D 233 23.44 -13.47 -3.58
CA ILE D 233 22.30 -14.08 -4.23
C ILE D 233 21.23 -13.07 -4.71
N ARG D 234 20.93 -12.06 -3.89
CA ARG D 234 19.94 -11.03 -4.26
C ARG D 234 20.47 -10.13 -5.39
N LYS D 235 21.79 -10.14 -5.60
CA LYS D 235 22.36 -9.32 -6.65
C LYS D 235 22.04 -9.99 -7.99
N CYS D 236 21.72 -11.28 -7.95
CA CYS D 236 21.39 -12.02 -9.16
C CYS D 236 19.96 -11.77 -9.64
N PHE D 237 19.13 -11.17 -8.77
CA PHE D 237 17.75 -10.87 -9.14
C PHE D 237 17.69 -9.43 -9.51
N GLY D 238 16.85 -9.12 -10.49
CA GLY D 238 16.74 -7.76 -10.98
C GLY D 238 15.76 -7.04 -10.10
N ILE D 239 15.51 -5.78 -10.42
CA ILE D 239 14.64 -4.97 -9.60
C ILE D 239 13.25 -5.58 -9.56
N GLN D 240 12.76 -5.74 -8.34
CA GLN D 240 11.42 -6.26 -8.10
C GLN D 240 11.23 -7.66 -8.61
N GLN D 241 12.29 -8.46 -8.60
CA GLN D 241 12.14 -9.86 -8.98
C GLN D 241 12.46 -10.80 -7.84
N HIS D 242 12.86 -10.22 -6.71
CA HIS D 242 13.34 -11.03 -5.59
C HIS D 242 12.30 -12.01 -5.05
N HIS D 243 11.02 -11.81 -5.37
CA HIS D 243 9.99 -12.75 -4.92
C HIS D 243 10.23 -14.12 -5.54
N LYS D 244 10.88 -14.15 -6.70
CA LYS D 244 11.18 -15.40 -7.41
C LYS D 244 12.11 -16.32 -6.60
N ILE D 245 12.61 -15.82 -5.48
CA ILE D 245 13.37 -16.64 -4.54
C ILE D 245 12.54 -17.85 -4.09
N THR D 246 11.21 -17.69 -4.08
CA THR D 246 10.30 -18.80 -3.81
C THR D 246 10.56 -20.01 -4.71
N LYS D 247 10.91 -19.75 -5.97
CA LYS D 247 11.03 -20.81 -6.97
C LYS D 247 12.38 -21.58 -6.89
N LEU D 248 13.21 -21.28 -5.90
CA LEU D 248 14.49 -21.96 -5.71
C LEU D 248 14.33 -23.28 -4.93
N VAL D 249 15.21 -24.25 -5.19
CA VAL D 249 15.20 -25.49 -4.40
C VAL D 249 16.04 -25.25 -3.16
N LEU D 250 15.37 -24.94 -2.05
CA LEU D 250 16.03 -24.48 -0.85
C LEU D 250 15.10 -24.63 0.35
N PRO D 251 15.67 -24.85 1.55
CA PRO D 251 14.87 -24.86 2.78
C PRO D 251 14.12 -23.54 2.98
N GLU D 252 12.89 -23.64 3.49
CA GLU D 252 12.05 -22.46 3.72
C GLU D 252 12.68 -21.46 4.70
N ASP D 253 13.44 -21.95 5.68
CA ASP D 253 14.14 -21.06 6.62
C ASP D 253 15.08 -20.09 5.88
N LEU D 254 15.68 -20.56 4.80
CA LEU D 254 16.64 -19.77 4.01
C LEU D 254 15.93 -18.88 2.96
N LYS D 255 14.83 -19.36 2.38
CA LYS D 255 14.07 -18.51 1.45
C LYS D 255 13.61 -17.26 2.20
N GLN D 256 13.17 -17.44 3.44
CA GLN D 256 12.73 -16.34 4.29
C GLN D 256 13.88 -15.47 4.76
N PHE D 257 15.04 -16.08 4.99
CA PHE D 257 16.25 -15.34 5.33
C PHE D 257 16.68 -14.46 4.16
N LEU D 258 16.70 -15.02 2.96
CA LEU D 258 17.04 -14.28 1.75
C LEU D 258 16.05 -13.14 1.44
N LEU D 259 14.79 -13.28 1.89
CA LEU D 259 13.74 -12.27 1.66
C LEU D 259 13.56 -11.27 2.81
N HIS D 260 14.38 -11.42 3.86
CA HIS D 260 14.35 -10.56 5.04
C HIS D 260 13.04 -10.66 5.84
N LEU D 261 12.58 -11.89 6.07
CA LEU D 261 11.36 -12.16 6.82
C LEU D 261 11.61 -12.92 8.13
N TYR E 3 46.21 -26.62 11.98
N TYR E 3 47.02 -27.17 13.79
CA TYR E 3 46.30 -27.75 12.88
CA TYR E 3 46.26 -27.50 12.59
C TYR E 3 45.34 -28.89 12.56
C TYR E 3 45.22 -28.61 12.81
N VAL E 4 44.16 -28.57 12.00
CA VAL E 4 43.11 -29.59 11.95
C VAL E 4 42.59 -29.88 10.52
N LYS E 5 42.08 -31.09 10.30
CA LYS E 5 41.65 -31.57 8.98
C LYS E 5 40.12 -31.59 8.79
N LEU E 6 39.65 -30.81 7.82
CA LEU E 6 38.24 -30.78 7.44
C LEU E 6 38.08 -31.60 6.16
N ILE E 7 37.21 -32.60 6.18
CA ILE E 7 37.12 -33.52 5.04
C ILE E 7 35.78 -33.34 4.32
N SER E 8 35.84 -33.07 3.02
CA SER E 8 34.62 -32.84 2.23
C SER E 8 33.91 -34.15 1.87
N SER E 9 32.85 -34.06 1.06
CA SER E 9 32.02 -35.22 0.75
C SER E 9 32.56 -36.08 -0.40
N ASP E 10 33.38 -35.48 -1.27
CA ASP E 10 33.91 -36.20 -2.43
C ASP E 10 35.33 -36.72 -2.18
N GLY E 11 35.79 -36.59 -0.95
CA GLY E 11 37.05 -37.18 -0.55
C GLY E 11 38.16 -36.18 -0.26
N HIS E 12 38.00 -34.96 -0.73
CA HIS E 12 39.03 -33.95 -0.52
C HIS E 12 39.25 -33.64 0.96
N GLU E 13 40.51 -33.54 1.33
CA GLU E 13 40.90 -33.26 2.70
C GLU E 13 41.55 -31.88 2.76
N PHE E 14 41.01 -31.03 3.63
CA PHE E 14 41.49 -29.66 3.76
C PHE E 14 42.13 -29.46 5.11
N ILE E 15 43.40 -29.07 5.09
CA ILE E 15 44.12 -28.84 6.34
C ILE E 15 44.22 -27.34 6.57
N VAL E 16 43.65 -26.87 7.68
CA VAL E 16 43.67 -25.44 7.99
C VAL E 16 44.12 -25.27 9.42
N LYS E 17 44.49 -24.04 9.78
CA LYS E 17 44.86 -23.73 11.17
C LYS E 17 43.67 -23.98 12.11
N ARG E 18 43.93 -24.57 13.28
CA ARG E 18 42.83 -24.84 14.22
C ARG E 18 42.08 -23.57 14.61
N GLU E 19 42.82 -22.53 14.97
CA GLU E 19 42.21 -21.27 15.39
C GLU E 19 41.33 -20.71 14.25
N HIS E 20 41.65 -21.06 13.01
CA HIS E 20 40.85 -20.63 11.86
C HIS E 20 39.51 -21.37 11.80
N ALA E 21 39.55 -22.70 11.90
CA ALA E 21 38.33 -23.51 11.85
C ALA E 21 37.41 -23.22 13.02
N LEU E 22 37.93 -22.58 14.06
CA LEU E 22 37.10 -22.26 15.23
C LEU E 22 36.21 -21.08 14.92
N THR E 23 36.25 -20.61 13.67
CA THR E 23 35.37 -19.54 13.22
C THR E 23 33.96 -20.09 13.09
N SER E 24 33.90 -21.39 12.77
CA SER E 24 32.63 -22.08 12.64
C SER E 24 32.15 -22.51 14.02
N GLY E 25 31.04 -21.93 14.47
CA GLY E 25 30.46 -22.32 15.74
C GLY E 25 30.20 -23.82 15.80
N THR E 26 29.78 -24.38 14.67
CA THR E 26 29.54 -25.81 14.58
C THR E 26 30.82 -26.60 14.83
N ILE E 27 31.91 -26.17 14.20
CA ILE E 27 33.19 -26.84 14.39
C ILE E 27 33.75 -26.52 15.78
N LYS E 28 33.67 -25.25 16.20
CA LYS E 28 34.09 -24.82 17.53
C LYS E 28 33.48 -25.72 18.60
N ALA E 29 32.25 -26.15 18.35
CA ALA E 29 31.53 -27.08 19.21
C ALA E 29 32.13 -28.49 19.22
N MET E 30 32.18 -29.15 18.07
CA MET E 30 32.68 -30.53 17.98
C MET E 30 34.08 -30.73 18.54
N LEU E 31 34.75 -29.63 18.87
CA LEU E 31 36.06 -29.66 19.53
C LEU E 31 35.92 -29.15 20.98
N ASN E 43 43.09 -33.02 14.88
CA ASN E 43 41.75 -33.59 14.81
C ASN E 43 41.45 -34.21 13.45
N GLU E 44 40.16 -34.35 13.13
CA GLU E 44 39.70 -34.96 11.87
C GLU E 44 38.18 -34.88 11.80
N VAL E 45 37.66 -33.83 11.18
CA VAL E 45 36.21 -33.65 11.12
C VAL E 45 35.70 -34.00 9.74
N ASN E 46 34.60 -34.74 9.67
CA ASN E 46 34.09 -35.16 8.39
C ASN E 46 32.77 -34.46 8.10
N PHE E 47 32.58 -34.04 6.85
CA PHE E 47 31.37 -33.35 6.42
C PHE E 47 30.74 -34.10 5.27
N ARG E 48 29.84 -35.02 5.60
CA ARG E 48 29.30 -35.95 4.61
C ARG E 48 28.36 -35.29 3.62
N GLU E 49 28.16 -33.98 3.75
CA GLU E 49 27.15 -33.26 2.97
C GLU E 49 27.71 -32.10 2.11
N ILE E 50 28.86 -31.58 2.50
CA ILE E 50 29.48 -30.45 1.81
C ILE E 50 30.55 -30.87 0.80
N PRO E 51 30.37 -30.47 -0.46
CA PRO E 51 31.33 -30.80 -1.53
C PRO E 51 32.58 -29.92 -1.54
N SER E 52 33.62 -30.42 -2.21
CA SER E 52 34.94 -29.81 -2.19
C SER E 52 34.94 -28.38 -2.71
N HIS E 53 34.16 -28.11 -3.74
CA HIS E 53 34.20 -26.79 -4.33
C HIS E 53 33.49 -25.77 -3.43
N VAL E 54 32.79 -26.26 -2.42
CA VAL E 54 32.14 -25.38 -1.46
C VAL E 54 33.04 -25.26 -0.23
N LEU E 55 33.55 -26.40 0.22
CA LEU E 55 34.34 -26.42 1.44
C LEU E 55 35.59 -25.57 1.30
N SER E 56 36.18 -25.48 0.10
CA SER E 56 37.35 -24.64 -0.10
C SER E 56 37.03 -23.16 0.14
N LYS E 57 35.94 -22.66 -0.45
CA LYS E 57 35.54 -21.27 -0.22
C LYS E 57 35.34 -21.03 1.27
N VAL E 58 34.80 -22.02 1.97
CA VAL E 58 34.57 -21.88 3.41
C VAL E 58 35.85 -21.66 4.20
N CYS E 59 36.89 -22.43 3.86
CA CYS E 59 38.18 -22.30 4.50
C CYS E 59 38.78 -20.95 4.16
N MET E 60 38.56 -20.53 2.92
CA MET E 60 39.06 -19.23 2.48
C MET E 60 38.38 -18.16 3.29
N TYR E 61 37.09 -18.34 3.55
CA TYR E 61 36.38 -17.41 4.39
C TYR E 61 36.98 -17.43 5.78
N PHE E 62 37.28 -18.62 6.30
CA PHE E 62 37.91 -18.74 7.62
C PHE E 62 39.19 -17.92 7.70
N THR E 63 40.04 -18.07 6.70
CA THR E 63 41.27 -17.29 6.65
C THR E 63 40.94 -15.81 6.61
N TYR E 64 40.10 -15.44 5.67
CA TYR E 64 39.66 -14.06 5.49
C TYR E 64 39.09 -13.49 6.77
N LYS E 65 38.24 -14.26 7.44
CA LYS E 65 37.57 -13.81 8.65
C LYS E 65 38.59 -13.48 9.74
N VAL E 66 39.47 -14.43 10.04
CA VAL E 66 40.49 -14.23 11.06
C VAL E 66 41.46 -13.08 10.76
N ARG E 67 42.03 -13.07 9.56
CA ARG E 67 43.01 -12.04 9.20
C ARG E 67 42.43 -10.65 9.29
N TYR E 68 41.18 -10.49 8.82
CA TYR E 68 40.57 -9.17 8.78
C TYR E 68 39.63 -8.87 9.94
N THR E 69 39.55 -9.77 10.92
CA THR E 69 38.65 -9.55 12.06
C THR E 69 39.24 -8.45 12.95
N ASN E 70 39.53 -7.33 12.30
CA ASN E 70 40.25 -6.23 12.88
C ASN E 70 41.66 -6.67 13.00
N SER E 71 42.60 -5.98 12.37
CA SER E 71 42.38 -4.72 11.66
C SER E 71 43.59 -4.65 10.69
N SER E 72 43.80 -3.62 9.86
CA SER E 72 43.09 -2.34 9.76
C SER E 72 43.33 -1.82 8.35
N THR E 73 43.49 -2.75 7.41
CA THR E 73 43.84 -2.33 6.06
C THR E 73 42.60 -2.35 5.21
N GLU E 74 41.46 -2.03 5.84
CA GLU E 74 40.18 -1.92 5.16
C GLU E 74 39.76 -3.30 4.66
N ILE E 75 38.54 -3.71 4.95
CA ILE E 75 38.13 -5.02 4.51
C ILE E 75 37.79 -5.03 3.00
N PRO E 76 38.41 -5.96 2.24
CA PRO E 76 38.21 -6.10 0.79
C PRO E 76 37.03 -7.05 0.48
N GLU E 77 36.52 -6.99 -0.76
CA GLU E 77 35.36 -7.80 -1.13
C GLU E 77 35.69 -9.28 -1.08
N PHE E 78 34.75 -10.07 -0.58
CA PHE E 78 34.92 -11.52 -0.56
C PHE E 78 34.18 -12.11 -1.76
N PRO E 79 34.94 -12.55 -2.78
CA PRO E 79 34.33 -12.96 -4.05
C PRO E 79 33.53 -14.26 -3.91
N ILE E 80 32.32 -14.24 -4.47
CA ILE E 80 31.46 -15.41 -4.44
C ILE E 80 30.79 -15.58 -5.80
N ALA E 81 31.21 -16.58 -6.56
CA ALA E 81 30.56 -16.88 -7.84
C ALA E 81 29.13 -17.34 -7.57
N PRO E 82 28.17 -16.90 -8.39
CA PRO E 82 26.74 -17.22 -8.22
C PRO E 82 26.42 -18.71 -8.20
N GLU E 83 27.21 -19.50 -8.91
CA GLU E 83 26.96 -20.93 -9.08
C GLU E 83 27.20 -21.69 -7.80
N ILE E 84 27.99 -21.10 -6.90
CA ILE E 84 28.25 -21.75 -5.63
C ILE E 84 27.49 -21.07 -4.48
N ALA E 85 26.77 -20.00 -4.80
CA ALA E 85 26.15 -19.19 -3.77
C ALA E 85 25.11 -19.95 -2.96
N LEU E 86 24.24 -20.69 -3.63
CA LEU E 86 23.18 -21.42 -2.92
C LEU E 86 23.77 -22.50 -2.08
N GLU E 87 24.67 -23.26 -2.70
CA GLU E 87 25.26 -24.38 -2.00
C GLU E 87 26.12 -23.91 -0.83
N LEU E 88 26.64 -22.69 -0.94
CA LEU E 88 27.51 -22.11 0.08
C LEU E 88 26.70 -21.51 1.24
N LEU E 89 25.51 -21.00 0.94
CA LEU E 89 24.65 -20.46 1.99
C LEU E 89 24.20 -21.59 2.91
N MET E 90 23.89 -22.73 2.32
CA MET E 90 23.49 -23.90 3.10
C MET E 90 24.65 -24.37 3.97
N ALA E 91 25.87 -24.29 3.44
CA ALA E 91 27.02 -24.69 4.23
C ALA E 91 27.21 -23.74 5.40
N ALA E 92 27.15 -22.44 5.13
CA ALA E 92 27.37 -21.43 6.15
C ALA E 92 26.34 -21.55 7.26
N ASN E 93 25.12 -21.91 6.87
CA ASN E 93 24.04 -22.11 7.81
C ASN E 93 24.33 -23.29 8.73
N PHE E 94 24.78 -24.38 8.12
CA PHE E 94 25.12 -25.58 8.87
C PHE E 94 26.32 -25.37 9.79
N LEU E 95 27.24 -24.50 9.40
CA LEU E 95 28.47 -24.31 10.15
C LEU E 95 28.40 -23.14 11.10
N ASP E 96 27.35 -22.35 10.97
CA ASP E 96 27.15 -21.17 11.80
C ASP E 96 28.35 -20.23 11.74
N CYS E 97 28.56 -19.63 10.58
CA CYS E 97 29.67 -18.72 10.43
C CYS E 97 29.34 -17.63 9.42
N ASP F 2 53.36 -10.47 4.14
CA ASP F 2 52.39 -11.52 4.47
C ASP F 2 51.57 -12.06 3.28
N VAL F 3 51.55 -13.38 3.13
CA VAL F 3 51.13 -14.05 1.88
C VAL F 3 50.41 -15.38 2.15
N PHE F 4 49.24 -15.59 1.52
CA PHE F 4 48.37 -16.74 1.83
C PHE F 4 48.26 -17.77 0.69
N LEU F 5 48.38 -19.06 1.00
CA LEU F 5 48.51 -20.10 -0.02
C LEU F 5 47.64 -21.34 0.15
N MET F 6 47.41 -22.03 -0.97
CA MET F 6 46.82 -23.36 -0.96
C MET F 6 47.83 -24.31 -1.52
N ILE F 7 48.43 -25.14 -0.68
CA ILE F 7 49.40 -26.14 -1.13
C ILE F 7 48.67 -27.43 -1.47
N ARG F 8 48.70 -27.82 -2.74
CA ARG F 8 47.82 -28.88 -3.22
C ARG F 8 48.53 -30.11 -3.76
N ARG F 9 47.94 -31.29 -3.56
CA ARG F 9 48.48 -32.56 -4.00
C ARG F 9 47.42 -33.66 -3.88
N HIS F 10 47.21 -34.42 -4.97
CA HIS F 10 46.15 -35.42 -5.02
C HIS F 10 44.82 -34.89 -4.51
N LYS F 11 44.30 -35.48 -3.46
CA LYS F 11 43.04 -34.99 -2.92
C LYS F 11 43.27 -34.23 -1.61
N THR F 12 44.51 -33.81 -1.37
CA THR F 12 44.77 -33.01 -0.17
C THR F 12 45.18 -31.54 -0.46
N THR F 13 44.74 -30.64 0.42
CA THR F 13 44.93 -29.21 0.28
C THR F 13 45.24 -28.59 1.64
N ILE F 14 46.30 -27.80 1.72
CA ILE F 14 46.71 -27.17 2.97
C ILE F 14 46.60 -25.65 2.87
N PHE F 15 45.88 -25.03 3.80
CA PHE F 15 45.79 -23.57 3.84
C PHE F 15 46.75 -22.99 4.86
N THR F 16 47.72 -22.19 4.40
CA THR F 16 48.66 -21.56 5.32
C THR F 16 49.13 -20.17 4.86
N ASP F 17 49.87 -19.49 5.73
CA ASP F 17 50.45 -18.21 5.38
C ASP F 17 51.96 -18.20 5.60
N ALA F 18 52.63 -17.25 4.96
CA ALA F 18 54.06 -17.11 5.13
C ALA F 18 54.46 -15.69 4.75
N LYS F 19 55.73 -15.36 5.04
CA LYS F 19 56.26 -14.05 4.72
C LYS F 19 56.73 -14.01 3.27
N GLU F 20 56.47 -12.89 2.59
CA GLU F 20 56.83 -12.74 1.18
C GLU F 20 58.33 -12.89 1.02
N SER F 21 59.06 -12.59 2.07
CA SER F 21 60.51 -12.68 2.07
C SER F 21 61.02 -14.07 2.50
N SER F 22 60.13 -14.92 3.02
CA SER F 22 60.51 -16.30 3.33
C SER F 22 60.81 -17.03 2.03
N THR F 23 61.65 -18.06 2.09
CA THR F 23 62.01 -18.79 0.87
C THR F 23 61.20 -20.06 0.63
N VAL F 24 61.30 -20.57 -0.60
CA VAL F 24 60.59 -21.77 -1.03
C VAL F 24 61.02 -22.98 -0.20
N PHE F 25 62.21 -22.90 0.37
CA PHE F 25 62.72 -23.94 1.25
C PHE F 25 61.98 -23.96 2.60
N GLU F 26 61.85 -22.81 3.24
CA GLU F 26 61.16 -22.76 4.52
C GLU F 26 59.67 -23.07 4.37
N LEU F 27 59.15 -23.01 3.15
CA LEU F 27 57.81 -23.47 2.87
C LEU F 27 57.76 -24.99 2.94
N LYS F 28 58.84 -25.64 2.53
CA LYS F 28 58.96 -27.08 2.67
C LYS F 28 59.06 -27.47 4.15
N ARG F 29 59.71 -26.61 4.93
CA ARG F 29 59.78 -26.76 6.39
C ARG F 29 58.41 -26.84 7.01
N ILE F 30 57.51 -25.97 6.55
CA ILE F 30 56.14 -25.91 7.04
C ILE F 30 55.37 -27.19 6.70
N VAL F 31 55.51 -27.61 5.44
CA VAL F 31 54.91 -28.84 4.95
C VAL F 31 55.42 -30.04 5.73
N GLU F 32 56.72 -30.03 6.05
CA GLU F 32 57.33 -31.09 6.86
C GLU F 32 56.64 -31.23 8.23
N GLY F 33 56.27 -30.10 8.83
CA GLY F 33 55.59 -30.10 10.12
C GLY F 33 54.11 -30.43 10.03
N ILE F 34 53.65 -30.80 8.82
CA ILE F 34 52.27 -31.23 8.61
C ILE F 34 52.14 -32.64 8.02
N LEU F 35 52.72 -32.87 6.84
CA LEU F 35 52.60 -34.18 6.19
C LEU F 35 53.70 -35.13 6.62
N LYS F 36 54.62 -34.63 7.43
CA LYS F 36 55.70 -35.43 8.01
C LYS F 36 56.62 -36.05 6.93
N ARG F 37 56.87 -35.31 5.87
CA ARG F 37 57.87 -35.70 4.86
C ARG F 37 59.00 -34.66 4.81
N PRO F 38 60.25 -35.14 4.67
CA PRO F 38 61.39 -34.23 4.61
C PRO F 38 61.45 -33.47 3.29
N PRO F 39 61.96 -32.22 3.33
CA PRO F 39 62.18 -31.34 2.19
C PRO F 39 62.88 -31.99 0.99
N ASP F 40 63.82 -32.90 1.21
CA ASP F 40 64.50 -33.55 0.07
C ASP F 40 63.58 -34.56 -0.64
N GLU F 41 62.43 -34.84 -0.04
CA GLU F 41 61.42 -35.70 -0.67
C GLU F 41 60.26 -34.82 -1.14
N GLN F 42 60.58 -33.60 -1.54
CA GLN F 42 59.56 -32.58 -1.80
C GLN F 42 59.88 -31.73 -3.02
N ARG F 43 58.86 -31.47 -3.84
CA ARG F 43 59.00 -30.56 -4.96
C ARG F 43 57.78 -29.64 -5.07
N LEU F 44 57.99 -28.34 -4.97
CA LEU F 44 56.89 -27.39 -5.08
C LEU F 44 56.78 -26.76 -6.47
N TYR F 45 55.56 -26.73 -7.00
CA TYR F 45 55.29 -26.14 -8.32
C TYR F 45 54.38 -24.90 -8.24
N LYS F 46 54.66 -23.90 -9.08
CA LYS F 46 53.66 -22.88 -9.41
C LYS F 46 53.32 -23.06 -10.88
N ASP F 47 52.03 -23.13 -11.18
CA ASP F 47 51.54 -23.63 -12.47
C ASP F 47 52.08 -25.05 -12.72
N ASP F 48 52.89 -25.21 -13.76
CA ASP F 48 53.53 -26.52 -13.96
C ASP F 48 55.04 -26.31 -14.14
N GLN F 49 55.61 -25.53 -13.23
CA GLN F 49 57.00 -25.13 -13.33
C GLN F 49 57.66 -25.35 -11.98
N LEU F 50 58.69 -26.19 -11.96
CA LEU F 50 59.40 -26.45 -10.74
C LEU F 50 60.06 -25.18 -10.16
N LEU F 51 59.75 -24.87 -8.91
CA LEU F 51 60.34 -23.73 -8.22
C LEU F 51 61.74 -24.00 -7.66
N ASP F 52 62.60 -22.99 -7.75
CA ASP F 52 63.93 -22.99 -7.13
C ASP F 52 63.80 -22.67 -5.62
N ASP F 53 64.09 -23.66 -4.77
CA ASP F 53 64.02 -23.54 -3.30
C ASP F 53 64.75 -22.32 -2.74
N GLY F 54 65.74 -21.84 -3.48
CA GLY F 54 66.53 -20.70 -3.06
C GLY F 54 65.79 -19.38 -3.13
N LYS F 55 64.75 -19.32 -3.95
CA LYS F 55 64.00 -18.08 -4.14
C LYS F 55 63.06 -17.79 -2.97
N THR F 56 62.76 -16.51 -2.75
CA THR F 56 61.73 -16.12 -1.79
C THR F 56 60.40 -16.27 -2.50
N LEU F 57 59.33 -16.38 -1.72
CA LEU F 57 57.98 -16.56 -2.28
C LEU F 57 57.57 -15.40 -3.17
N GLY F 58 57.96 -14.18 -2.77
CA GLY F 58 57.69 -12.99 -3.56
C GLY F 58 58.46 -12.93 -4.86
N GLU F 59 59.56 -13.66 -4.93
CA GLU F 59 60.37 -13.78 -6.14
C GLU F 59 59.76 -14.79 -7.12
N CYS F 60 58.98 -15.73 -6.59
CA CYS F 60 58.26 -16.68 -7.42
C CYS F 60 56.89 -16.11 -7.79
N GLY F 61 56.64 -14.88 -7.35
CA GLY F 61 55.41 -14.18 -7.69
C GLY F 61 54.27 -14.45 -6.74
N PHE F 62 54.58 -14.73 -5.48
CA PHE F 62 53.55 -14.73 -4.46
C PHE F 62 53.62 -13.40 -3.68
N THR F 63 52.69 -12.48 -3.97
CA THR F 63 52.70 -11.16 -3.37
C THR F 63 51.54 -11.03 -2.41
N SER F 64 51.43 -9.87 -1.79
CA SER F 64 50.28 -9.54 -0.99
C SER F 64 49.09 -9.27 -1.91
N GLN F 65 49.36 -8.81 -3.13
CA GLN F 65 48.30 -8.50 -4.08
C GLN F 65 48.08 -9.68 -5.03
N THR F 66 48.59 -10.85 -4.64
CA THR F 66 48.54 -12.02 -5.51
C THR F 66 48.05 -13.21 -4.70
N ALA F 67 48.44 -13.25 -3.42
CA ALA F 67 48.13 -14.35 -2.54
C ALA F 67 47.40 -13.85 -1.28
N ARG F 68 46.12 -13.51 -1.46
CA ARG F 68 45.32 -12.92 -0.40
C ARG F 68 44.55 -13.97 0.42
N PRO F 69 44.17 -13.63 1.66
CA PRO F 69 43.44 -14.59 2.49
C PRO F 69 42.22 -15.17 1.79
N GLN F 70 41.44 -14.28 1.17
CA GLN F 70 40.21 -14.59 0.46
C GLN F 70 40.42 -15.21 -0.92
N ALA F 71 41.66 -15.14 -1.43
CA ALA F 71 42.01 -15.69 -2.73
C ALA F 71 43.44 -16.22 -2.75
N PRO F 72 43.66 -17.39 -2.13
CA PRO F 72 45.00 -17.97 -1.97
C PRO F 72 45.63 -18.40 -3.30
N ALA F 73 46.95 -18.27 -3.40
CA ALA F 73 47.70 -18.75 -4.56
C ALA F 73 47.94 -20.24 -4.41
N THR F 74 47.97 -20.95 -5.52
CA THR F 74 48.01 -22.41 -5.49
C THR F 74 49.43 -22.86 -5.71
N VAL F 75 49.94 -23.68 -4.81
CA VAL F 75 51.27 -24.24 -4.95
C VAL F 75 51.15 -25.75 -5.05
N GLY F 76 51.72 -26.36 -6.09
CA GLY F 76 51.57 -27.78 -6.31
C GLY F 76 52.67 -28.55 -5.59
N LEU F 77 52.33 -29.72 -5.06
CA LEU F 77 53.26 -30.47 -4.24
C LEU F 77 53.43 -31.88 -4.76
N ALA F 78 54.68 -32.33 -4.84
CA ALA F 78 54.94 -33.69 -5.30
C ALA F 78 55.98 -34.36 -4.43
N PHE F 79 55.71 -35.64 -4.13
CA PHE F 79 56.57 -36.49 -3.30
C PHE F 79 57.34 -37.51 -4.12
N ARG F 80 58.38 -38.10 -3.53
CA ARG F 80 59.15 -39.16 -4.16
C ARG F 80 58.67 -40.57 -3.76
N ALA F 81 58.60 -41.47 -4.74
CA ALA F 81 58.31 -42.88 -4.50
C ALA F 81 59.59 -43.73 -4.63
N ASP F 82 60.22 -44.01 -3.50
CA ASP F 82 61.57 -44.59 -3.46
C ASP F 82 62.62 -43.70 -4.17
N ASP F 83 63.07 -44.11 -5.36
CA ASP F 83 64.20 -43.43 -6.00
C ASP F 83 63.81 -42.25 -6.89
N THR F 84 62.64 -42.33 -7.51
CA THR F 84 62.21 -41.28 -8.44
C THR F 84 61.03 -40.42 -7.91
N PHE F 85 60.59 -39.43 -8.70
CA PHE F 85 59.57 -38.48 -8.26
C PHE F 85 58.24 -38.70 -8.97
N GLU F 86 57.13 -38.55 -8.24
CA GLU F 86 55.81 -38.70 -8.85
C GLU F 86 55.52 -37.48 -9.70
N ALA F 87 54.82 -37.69 -10.80
CA ALA F 87 54.47 -36.59 -11.69
C ALA F 87 53.38 -35.76 -11.01
N LEU F 88 53.52 -34.44 -11.02
CA LEU F 88 52.59 -33.56 -10.31
C LEU F 88 51.14 -33.89 -10.64
N CYS F 89 50.37 -34.27 -9.62
CA CYS F 89 48.95 -34.57 -9.82
C CYS F 89 48.04 -33.85 -8.81
N ILE F 90 47.06 -33.13 -9.33
CA ILE F 90 46.10 -32.45 -8.49
C ILE F 90 44.69 -32.86 -8.91
N GLU F 91 43.99 -33.53 -8.00
CA GLU F 91 42.59 -33.86 -8.21
C GLU F 91 41.80 -32.56 -8.15
N PRO F 92 41.04 -32.25 -9.20
CA PRO F 92 40.25 -31.01 -9.22
C PRO F 92 39.12 -31.05 -8.19
N PHE F 93 38.56 -29.90 -7.82
CA PHE F 93 37.40 -29.90 -6.93
C PHE F 93 36.17 -30.32 -7.71
N SER F 94 35.03 -30.36 -7.03
CA SER F 94 33.78 -30.77 -7.64
C SER F 94 33.21 -29.69 -8.56
N SER F 95 32.33 -30.11 -9.46
CA SER F 95 31.73 -29.18 -10.39
C SER F 95 30.41 -28.66 -9.81
N PRO F 96 30.29 -27.33 -9.67
CA PRO F 96 29.06 -26.75 -9.13
C PRO F 96 27.92 -26.92 -10.13
N PRO F 97 26.67 -26.98 -9.63
CA PRO F 97 25.49 -27.19 -10.48
C PRO F 97 25.28 -26.09 -11.51
N GLU F 98 24.31 -26.27 -12.39
CA GLU F 98 23.92 -25.21 -13.29
C GLU F 98 23.27 -24.11 -12.46
N LEU F 99 23.56 -22.85 -12.80
CA LEU F 99 22.84 -21.76 -12.18
C LEU F 99 21.34 -21.91 -12.50
N PRO F 100 20.47 -21.89 -11.47
CA PRO F 100 19.02 -21.97 -11.68
C PRO F 100 18.51 -20.82 -12.54
N ASP F 101 17.35 -21.00 -13.18
CA ASP F 101 16.90 -20.06 -14.21
C ASP F 101 16.55 -18.68 -13.66
N VAL F 102 15.82 -18.65 -12.55
CA VAL F 102 15.48 -17.39 -11.88
C VAL F 102 16.70 -16.50 -11.51
N MET F 103 17.90 -17.10 -11.47
CA MET F 103 19.12 -16.35 -11.09
C MET F 103 20.00 -15.95 -12.28
N LYS F 104 19.51 -16.20 -13.50
CA LYS F 104 20.26 -15.85 -14.70
C LYS F 104 20.01 -14.39 -15.10
N PRO F 105 21.04 -13.74 -15.67
CA PRO F 105 20.98 -12.33 -16.13
C PRO F 105 19.91 -12.08 -17.21
N GLN F 106 19.23 -10.93 -17.11
CA GLN F 106 18.17 -10.57 -18.04
C GLN F 106 18.71 -9.98 -19.33
C1 EDO G . -6.64 15.15 33.39
O1 EDO G . -6.82 13.82 33.90
C2 EDO G . -8.01 15.80 33.04
O2 EDO G . -7.79 17.15 32.54
#